data_1TUC
# 
_entry.id   1TUC 
# 
_audit_conform.dict_name       mmcif_pdbx.dic 
_audit_conform.dict_version    5.386 
_audit_conform.dict_location   http://mmcif.pdb.org/dictionaries/ascii/mmcif_pdbx.dic 
# 
loop_
_database_2.database_id 
_database_2.database_code 
_database_2.pdbx_database_accession 
_database_2.pdbx_DOI 
PDB   1TUC         pdb_00001tuc 10.2210/pdb1tuc/pdb 
WWPDB D_1000176857 ?            ?                   
# 
loop_
_pdbx_audit_revision_history.ordinal 
_pdbx_audit_revision_history.data_content_type 
_pdbx_audit_revision_history.major_revision 
_pdbx_audit_revision_history.minor_revision 
_pdbx_audit_revision_history.revision_date 
1 'Structure model' 1 0 1996-08-01 
2 'Structure model' 1 1 2008-03-24 
3 'Structure model' 1 2 2011-07-13 
4 'Structure model' 1 3 2024-02-14 
# 
_pdbx_audit_revision_details.ordinal             1 
_pdbx_audit_revision_details.revision_ordinal    1 
_pdbx_audit_revision_details.data_content_type   'Structure model' 
_pdbx_audit_revision_details.provider            repository 
_pdbx_audit_revision_details.type                'Initial release' 
_pdbx_audit_revision_details.description         ? 
_pdbx_audit_revision_details.details             ? 
# 
loop_
_pdbx_audit_revision_group.ordinal 
_pdbx_audit_revision_group.revision_ordinal 
_pdbx_audit_revision_group.data_content_type 
_pdbx_audit_revision_group.group 
1 2 'Structure model' 'Version format compliance' 
2 3 'Structure model' 'Version format compliance' 
3 4 'Structure model' 'Data collection'           
4 4 'Structure model' 'Database references'       
5 4 'Structure model' Other                       
# 
loop_
_pdbx_audit_revision_category.ordinal 
_pdbx_audit_revision_category.revision_ordinal 
_pdbx_audit_revision_category.data_content_type 
_pdbx_audit_revision_category.category 
1 4 'Structure model' chem_comp_atom       
2 4 'Structure model' chem_comp_bond       
3 4 'Structure model' database_2           
4 4 'Structure model' pdbx_database_status 
5 4 'Structure model' struct_ref_seq_dif   
# 
loop_
_pdbx_audit_revision_item.ordinal 
_pdbx_audit_revision_item.revision_ordinal 
_pdbx_audit_revision_item.data_content_type 
_pdbx_audit_revision_item.item 
1 4 'Structure model' '_database_2.pdbx_DOI'                
2 4 'Structure model' '_database_2.pdbx_database_accession' 
3 4 'Structure model' '_pdbx_database_status.process_site'  
4 4 'Structure model' '_struct_ref_seq_dif.details'         
# 
_pdbx_database_status.status_code                     REL 
_pdbx_database_status.entry_id                        1TUC 
_pdbx_database_status.recvd_initial_deposition_date   1996-02-29 
_pdbx_database_status.deposit_site                    ? 
_pdbx_database_status.process_site                    BNL 
_pdbx_database_status.SG_entry                        . 
_pdbx_database_status.pdb_format_compatible           Y 
_pdbx_database_status.status_code_mr                  ? 
_pdbx_database_status.status_code_sf                  ? 
_pdbx_database_status.status_code_cs                  ? 
_pdbx_database_status.status_code_nmr_data            ? 
_pdbx_database_status.methods_development_category    ? 
# 
loop_
_audit_author.name 
_audit_author.pdbx_ordinal 
'Wilmanns, M.'  1 
'Serrano, L.'   2 
'Viguera, A.R.' 3 
# 
_citation.id                        primary 
_citation.title                     
'The order of secondary structure elements does not determine the structure of a protein but does affect its folding kinetics.' 
_citation.journal_abbrev            J.Mol.Biol. 
_citation.journal_volume            247 
_citation.page_first                670 
_citation.page_last                 681 
_citation.year                      1995 
_citation.journal_id_ASTM           JMOBAK 
_citation.country                   UK 
_citation.journal_id_ISSN           0022-2836 
_citation.journal_id_CSD            0070 
_citation.book_publisher            ? 
_citation.pdbx_database_id_PubMed   7723022 
_citation.pdbx_database_id_DOI      10.1006/jmbi.1994.0171 
# 
loop_
_citation_author.citation_id 
_citation_author.name 
_citation_author.ordinal 
_citation_author.identifier_ORCID 
primary 'Viguera, A.R.' 1 ? 
primary 'Blanco, F.J.'  2 ? 
primary 'Serrano, L.'   3 ? 
# 
loop_
_entity.id 
_entity.type 
_entity.src_method 
_entity.pdbx_description 
_entity.formula_weight 
_entity.pdbx_number_of_molecules 
_entity.pdbx_ec 
_entity.pdbx_mutation 
_entity.pdbx_fragment 
_entity.details 
1 polymer man ALPHA-SPECTRIN 7186.223 1  ? 'CIRCULAR PERMUTANT, CUT AT S19-P20, INS(MG-P20), INS(SG-T4)' 'SRC HOMOLOGY 3 DOMAIN' 
;THIS IS A CIRCULAR PERMUTANT OF THE WT ALPHA-SPECTRIN SH3
SEQUENCE (PDB ENTRY WT-3D STRUCTURE: 1SGB).  THE RESIDUE
NUMBERS ARE AS IN THE WT SPECTRIN-SH3 DOMAIN (1SGB).
THR 4 (N-TERMINUS) AND ASP 62 (C-TERMINUS) OF THE WT-SH3
SEQUENCE ARE LINKED BY TWO ADDITIONAL RESIDUES (SER 2,
GLY 3).  THE CHAIN IS CLEAVED BETWEEN SER 19 AND PRO 20.
TWO RESIDUES ARE ADDED AT THE NEW N-TERMINUS (MET 100,
GLY 101).
;
2 water   nat water          18.015   70 ? ?                                                             ?                       ? 
# 
_entity_poly.entity_id                      1 
_entity_poly.type                           'polypeptide(L)' 
_entity_poly.nstd_linkage                   no 
_entity_poly.nstd_monomer                   no 
_entity_poly.pdbx_seq_one_letter_code       MGPREVTMKKGDILTLLNSTNKDWWKVEVNDRQGFVPAAYVKKLDSGTGKELVLALYDYQEKS 
_entity_poly.pdbx_seq_one_letter_code_can   MGPREVTMKKGDILTLLNSTNKDWWKVEVNDRQGFVPAAYVKKLDSGTGKELVLALYDYQEKS 
_entity_poly.pdbx_strand_id                 A 
_entity_poly.pdbx_target_identifier         ? 
# 
_pdbx_entity_nonpoly.entity_id   2 
_pdbx_entity_nonpoly.name        water 
_pdbx_entity_nonpoly.comp_id     HOH 
# 
loop_
_entity_poly_seq.entity_id 
_entity_poly_seq.num 
_entity_poly_seq.mon_id 
_entity_poly_seq.hetero 
1 1  MET n 
1 2  GLY n 
1 3  PRO n 
1 4  ARG n 
1 5  GLU n 
1 6  VAL n 
1 7  THR n 
1 8  MET n 
1 9  LYS n 
1 10 LYS n 
1 11 GLY n 
1 12 ASP n 
1 13 ILE n 
1 14 LEU n 
1 15 THR n 
1 16 LEU n 
1 17 LEU n 
1 18 ASN n 
1 19 SER n 
1 20 THR n 
1 21 ASN n 
1 22 LYS n 
1 23 ASP n 
1 24 TRP n 
1 25 TRP n 
1 26 LYS n 
1 27 VAL n 
1 28 GLU n 
1 29 VAL n 
1 30 ASN n 
1 31 ASP n 
1 32 ARG n 
1 33 GLN n 
1 34 GLY n 
1 35 PHE n 
1 36 VAL n 
1 37 PRO n 
1 38 ALA n 
1 39 ALA n 
1 40 TYR n 
1 41 VAL n 
1 42 LYS n 
1 43 LYS n 
1 44 LEU n 
1 45 ASP n 
1 46 SER n 
1 47 GLY n 
1 48 THR n 
1 49 GLY n 
1 50 LYS n 
1 51 GLU n 
1 52 LEU n 
1 53 VAL n 
1 54 LEU n 
1 55 ALA n 
1 56 LEU n 
1 57 TYR n 
1 58 ASP n 
1 59 TYR n 
1 60 GLN n 
1 61 GLU n 
1 62 LYS n 
1 63 SER n 
# 
_entity_src_gen.entity_id                          1 
_entity_src_gen.pdbx_src_id                        1 
_entity_src_gen.pdbx_alt_source_flag               sample 
_entity_src_gen.pdbx_seq_type                      ? 
_entity_src_gen.pdbx_beg_seq_num                   ? 
_entity_src_gen.pdbx_end_seq_num                   ? 
_entity_src_gen.gene_src_common_name               chicken 
_entity_src_gen.gene_src_genus                     Gallus 
_entity_src_gen.pdbx_gene_src_gene                 ? 
_entity_src_gen.gene_src_species                   ? 
_entity_src_gen.gene_src_strain                    ? 
_entity_src_gen.gene_src_tissue                    ? 
_entity_src_gen.gene_src_tissue_fraction           ? 
_entity_src_gen.gene_src_details                   ? 
_entity_src_gen.pdbx_gene_src_fragment             ? 
_entity_src_gen.pdbx_gene_src_scientific_name      'Gallus gallus' 
_entity_src_gen.pdbx_gene_src_ncbi_taxonomy_id     9031 
_entity_src_gen.pdbx_gene_src_variant              ? 
_entity_src_gen.pdbx_gene_src_cell_line            ? 
_entity_src_gen.pdbx_gene_src_atcc                 ? 
_entity_src_gen.pdbx_gene_src_organ                BRAIN 
_entity_src_gen.pdbx_gene_src_organelle            ? 
_entity_src_gen.pdbx_gene_src_cell                 ? 
_entity_src_gen.pdbx_gene_src_cellular_location    ? 
_entity_src_gen.host_org_common_name               ? 
_entity_src_gen.pdbx_host_org_scientific_name      'Escherichia coli' 
_entity_src_gen.pdbx_host_org_ncbi_taxonomy_id     562 
_entity_src_gen.host_org_genus                     Escherichia 
_entity_src_gen.pdbx_host_org_gene                 ? 
_entity_src_gen.pdbx_host_org_organ                ? 
_entity_src_gen.host_org_species                   ? 
_entity_src_gen.pdbx_host_org_tissue               ? 
_entity_src_gen.pdbx_host_org_tissue_fraction      ? 
_entity_src_gen.pdbx_host_org_strain               ? 
_entity_src_gen.pdbx_host_org_variant              ? 
_entity_src_gen.pdbx_host_org_cell_line            ? 
_entity_src_gen.pdbx_host_org_atcc                 ? 
_entity_src_gen.pdbx_host_org_culture_collection   ? 
_entity_src_gen.pdbx_host_org_cell                 ? 
_entity_src_gen.pdbx_host_org_organelle            ? 
_entity_src_gen.pdbx_host_org_cellular_location    ? 
_entity_src_gen.pdbx_host_org_vector_type          ? 
_entity_src_gen.pdbx_host_org_vector               ? 
_entity_src_gen.host_org_details                   ? 
_entity_src_gen.expression_system_id               ? 
_entity_src_gen.plasmid_name                       PET3D 
_entity_src_gen.plasmid_details                    ? 
_entity_src_gen.pdbx_description                   ? 
# 
loop_
_chem_comp.id 
_chem_comp.type 
_chem_comp.mon_nstd_flag 
_chem_comp.name 
_chem_comp.pdbx_synonyms 
_chem_comp.formula 
_chem_comp.formula_weight 
ALA 'L-peptide linking' y ALANINE         ? 'C3 H7 N O2'     89.093  
ARG 'L-peptide linking' y ARGININE        ? 'C6 H15 N4 O2 1' 175.209 
ASN 'L-peptide linking' y ASPARAGINE      ? 'C4 H8 N2 O3'    132.118 
ASP 'L-peptide linking' y 'ASPARTIC ACID' ? 'C4 H7 N O4'     133.103 
GLN 'L-peptide linking' y GLUTAMINE       ? 'C5 H10 N2 O3'   146.144 
GLU 'L-peptide linking' y 'GLUTAMIC ACID' ? 'C5 H9 N O4'     147.129 
GLY 'peptide linking'   y GLYCINE         ? 'C2 H5 N O2'     75.067  
HOH non-polymer         . WATER           ? 'H2 O'           18.015  
ILE 'L-peptide linking' y ISOLEUCINE      ? 'C6 H13 N O2'    131.173 
LEU 'L-peptide linking' y LEUCINE         ? 'C6 H13 N O2'    131.173 
LYS 'L-peptide linking' y LYSINE          ? 'C6 H15 N2 O2 1' 147.195 
MET 'L-peptide linking' y METHIONINE      ? 'C5 H11 N O2 S'  149.211 
PHE 'L-peptide linking' y PHENYLALANINE   ? 'C9 H11 N O2'    165.189 
PRO 'L-peptide linking' y PROLINE         ? 'C5 H9 N O2'     115.130 
SER 'L-peptide linking' y SERINE          ? 'C3 H7 N O3'     105.093 
THR 'L-peptide linking' y THREONINE       ? 'C4 H9 N O3'     119.119 
TRP 'L-peptide linking' y TRYPTOPHAN      ? 'C11 H12 N2 O2'  204.225 
TYR 'L-peptide linking' y TYROSINE        ? 'C9 H11 N O3'    181.189 
VAL 'L-peptide linking' y VALINE          ? 'C5 H11 N O2'    117.146 
# 
loop_
_pdbx_poly_seq_scheme.asym_id 
_pdbx_poly_seq_scheme.entity_id 
_pdbx_poly_seq_scheme.seq_id 
_pdbx_poly_seq_scheme.mon_id 
_pdbx_poly_seq_scheme.ndb_seq_num 
_pdbx_poly_seq_scheme.pdb_seq_num 
_pdbx_poly_seq_scheme.auth_seq_num 
_pdbx_poly_seq_scheme.pdb_mon_id 
_pdbx_poly_seq_scheme.auth_mon_id 
_pdbx_poly_seq_scheme.pdb_strand_id 
_pdbx_poly_seq_scheme.pdb_ins_code 
_pdbx_poly_seq_scheme.hetero 
A 1 1  MET 1  100 100 MET MET A . n 
A 1 2  GLY 2  101 101 GLY GLY A . n 
A 1 3  PRO 3  20  20  PRO PRO A . n 
A 1 4  ARG 4  21  21  ARG ARG A . n 
A 1 5  GLU 5  22  22  GLU GLU A . n 
A 1 6  VAL 6  23  23  VAL VAL A . n 
A 1 7  THR 7  24  24  THR THR A . n 
A 1 8  MET 8  25  25  MET MET A . n 
A 1 9  LYS 9  26  26  LYS LYS A . n 
A 1 10 LYS 10 27  27  LYS LYS A . n 
A 1 11 GLY 11 28  28  GLY GLY A . n 
A 1 12 ASP 12 29  29  ASP ASP A . n 
A 1 13 ILE 13 30  30  ILE ILE A . n 
A 1 14 LEU 14 31  31  LEU LEU A . n 
A 1 15 THR 15 32  32  THR THR A . n 
A 1 16 LEU 16 33  33  LEU LEU A . n 
A 1 17 LEU 17 34  34  LEU LEU A . n 
A 1 18 ASN 18 35  35  ASN ASN A . n 
A 1 19 SER 19 36  36  SER SER A . n 
A 1 20 THR 20 37  37  THR THR A . n 
A 1 21 ASN 21 38  38  ASN ASN A . n 
A 1 22 LYS 22 39  39  LYS LYS A . n 
A 1 23 ASP 23 40  40  ASP ASP A . n 
A 1 24 TRP 24 41  41  TRP TRP A . n 
A 1 25 TRP 25 42  42  TRP TRP A . n 
A 1 26 LYS 26 43  43  LYS LYS A . n 
A 1 27 VAL 27 44  44  VAL VAL A . n 
A 1 28 GLU 28 45  45  GLU GLU A . n 
A 1 29 VAL 29 46  46  VAL VAL A . n 
A 1 30 ASN 30 47  47  ASN ASN A . n 
A 1 31 ASP 31 48  48  ASP ASP A . n 
A 1 32 ARG 32 49  49  ARG ARG A . n 
A 1 33 GLN 33 50  50  GLN GLN A . n 
A 1 34 GLY 34 51  51  GLY GLY A . n 
A 1 35 PHE 35 52  52  PHE PHE A . n 
A 1 36 VAL 36 53  53  VAL VAL A . n 
A 1 37 PRO 37 54  54  PRO PRO A . n 
A 1 38 ALA 38 55  55  ALA ALA A . n 
A 1 39 ALA 39 56  56  ALA ALA A . n 
A 1 40 TYR 40 57  57  TYR TYR A . n 
A 1 41 VAL 41 58  58  VAL VAL A . n 
A 1 42 LYS 42 59  59  LYS LYS A . n 
A 1 43 LYS 43 60  60  LYS LYS A . n 
A 1 44 LEU 44 61  61  LEU LEU A . n 
A 1 45 ASP 45 62  62  ASP ASP A . n 
A 1 46 SER 46 2   2   SER SER A . n 
A 1 47 GLY 47 3   3   GLY GLY A . n 
A 1 48 THR 48 4   4   THR THR A . n 
A 1 49 GLY 49 5   5   GLY GLY A . n 
A 1 50 LYS 50 6   6   LYS LYS A . n 
A 1 51 GLU 51 7   7   GLU GLU A . n 
A 1 52 LEU 52 8   8   LEU LEU A . n 
A 1 53 VAL 53 9   9   VAL VAL A . n 
A 1 54 LEU 54 10  10  LEU LEU A . n 
A 1 55 ALA 55 11  11  ALA ALA A . n 
A 1 56 LEU 56 12  12  LEU LEU A . n 
A 1 57 TYR 57 13  13  TYR TYR A . n 
A 1 58 ASP 58 14  14  ASP ASP A . n 
A 1 59 TYR 59 15  15  TYR TYR A . n 
A 1 60 GLN 60 16  16  GLN GLN A . n 
A 1 61 GLU 61 17  17  GLU GLU A . n 
A 1 62 LYS 62 18  ?   ?   ?   A . n 
A 1 63 SER 63 19  ?   ?   ?   A . n 
# 
loop_
_pdbx_nonpoly_scheme.asym_id 
_pdbx_nonpoly_scheme.entity_id 
_pdbx_nonpoly_scheme.mon_id 
_pdbx_nonpoly_scheme.ndb_seq_num 
_pdbx_nonpoly_scheme.pdb_seq_num 
_pdbx_nonpoly_scheme.auth_seq_num 
_pdbx_nonpoly_scheme.pdb_mon_id 
_pdbx_nonpoly_scheme.auth_mon_id 
_pdbx_nonpoly_scheme.pdb_strand_id 
_pdbx_nonpoly_scheme.pdb_ins_code 
B 2 HOH 1  102 1  HOH HOH A . 
B 2 HOH 2  103 2  HOH HOH A . 
B 2 HOH 3  104 3  HOH HOH A . 
B 2 HOH 4  105 4  HOH HOH A . 
B 2 HOH 5  106 5  HOH HOH A . 
B 2 HOH 6  107 6  HOH HOH A . 
B 2 HOH 7  108 7  HOH HOH A . 
B 2 HOH 8  109 8  HOH HOH A . 
B 2 HOH 9  110 9  HOH HOH A . 
B 2 HOH 10 111 10 HOH HOH A . 
B 2 HOH 11 112 11 HOH HOH A . 
B 2 HOH 12 113 12 HOH HOH A . 
B 2 HOH 13 114 13 HOH HOH A . 
B 2 HOH 14 115 14 HOH HOH A . 
B 2 HOH 15 116 15 HOH HOH A . 
B 2 HOH 16 117 16 HOH HOH A . 
B 2 HOH 17 118 17 HOH HOH A . 
B 2 HOH 18 119 18 HOH HOH A . 
B 2 HOH 19 120 19 HOH HOH A . 
B 2 HOH 20 121 20 HOH HOH A . 
B 2 HOH 21 122 21 HOH HOH A . 
B 2 HOH 22 123 22 HOH HOH A . 
B 2 HOH 23 124 23 HOH HOH A . 
B 2 HOH 24 125 24 HOH HOH A . 
B 2 HOH 25 126 25 HOH HOH A . 
B 2 HOH 26 127 26 HOH HOH A . 
B 2 HOH 27 128 27 HOH HOH A . 
B 2 HOH 28 129 28 HOH HOH A . 
B 2 HOH 29 130 29 HOH HOH A . 
B 2 HOH 30 131 30 HOH HOH A . 
B 2 HOH 31 132 31 HOH HOH A . 
B 2 HOH 32 133 32 HOH HOH A . 
B 2 HOH 33 134 33 HOH HOH A . 
B 2 HOH 34 135 34 HOH HOH A . 
B 2 HOH 35 136 35 HOH HOH A . 
B 2 HOH 36 137 36 HOH HOH A . 
B 2 HOH 37 138 37 HOH HOH A . 
B 2 HOH 38 139 38 HOH HOH A . 
B 2 HOH 39 140 39 HOH HOH A . 
B 2 HOH 40 141 40 HOH HOH A . 
B 2 HOH 41 142 41 HOH HOH A . 
B 2 HOH 42 143 42 HOH HOH A . 
B 2 HOH 43 144 43 HOH HOH A . 
B 2 HOH 44 145 44 HOH HOH A . 
B 2 HOH 45 146 45 HOH HOH A . 
B 2 HOH 46 147 46 HOH HOH A . 
B 2 HOH 47 148 47 HOH HOH A . 
B 2 HOH 48 149 48 HOH HOH A . 
B 2 HOH 49 150 49 HOH HOH A . 
B 2 HOH 50 151 50 HOH HOH A . 
B 2 HOH 51 152 51 HOH HOH A . 
B 2 HOH 52 153 52 HOH HOH A . 
B 2 HOH 53 154 53 HOH HOH A . 
B 2 HOH 54 155 54 HOH HOH A . 
B 2 HOH 55 156 55 HOH HOH A . 
B 2 HOH 56 157 56 HOH HOH A . 
B 2 HOH 57 158 57 HOH HOH A . 
B 2 HOH 58 159 58 HOH HOH A . 
B 2 HOH 59 160 59 HOH HOH A . 
B 2 HOH 60 161 60 HOH HOH A . 
B 2 HOH 61 162 61 HOH HOH A . 
B 2 HOH 62 163 62 HOH HOH A . 
B 2 HOH 63 164 63 HOH HOH A . 
B 2 HOH 64 165 64 HOH HOH A . 
B 2 HOH 65 166 65 HOH HOH A . 
B 2 HOH 66 167 66 HOH HOH A . 
B 2 HOH 67 168 67 HOH HOH A . 
B 2 HOH 68 169 68 HOH HOH A . 
B 2 HOH 69 170 69 HOH HOH A . 
B 2 HOH 70 171 70 HOH HOH A . 
# 
loop_
_pdbx_unobs_or_zero_occ_atoms.id 
_pdbx_unobs_or_zero_occ_atoms.PDB_model_num 
_pdbx_unobs_or_zero_occ_atoms.polymer_flag 
_pdbx_unobs_or_zero_occ_atoms.occupancy_flag 
_pdbx_unobs_or_zero_occ_atoms.auth_asym_id 
_pdbx_unobs_or_zero_occ_atoms.auth_comp_id 
_pdbx_unobs_or_zero_occ_atoms.auth_seq_id 
_pdbx_unobs_or_zero_occ_atoms.PDB_ins_code 
_pdbx_unobs_or_zero_occ_atoms.auth_atom_id 
_pdbx_unobs_or_zero_occ_atoms.label_alt_id 
_pdbx_unobs_or_zero_occ_atoms.label_asym_id 
_pdbx_unobs_or_zero_occ_atoms.label_comp_id 
_pdbx_unobs_or_zero_occ_atoms.label_seq_id 
_pdbx_unobs_or_zero_occ_atoms.label_atom_id 
1 1 Y 1 A GLU 17 ? CG  ? A GLU 61 CG  
2 1 Y 1 A GLU 17 ? CD  ? A GLU 61 CD  
3 1 Y 1 A GLU 17 ? OE1 ? A GLU 61 OE1 
4 1 Y 1 A GLU 17 ? OE2 ? A GLU 61 OE2 
# 
loop_
_software.name 
_software.classification 
_software.version 
_software.citation_id 
_software.pdbx_ordinal 
X-PLOR 'model building' 3.1 ? 1 
X-PLOR refinement       3.1 ? 2 
XDS    'data reduction' .   ? 3 
X-PLOR phasing          3.1 ? 4 
# 
_cell.entry_id           1TUC 
_cell.length_a           41.800 
_cell.length_b           41.800 
_cell.length_c           92.040 
_cell.angle_alpha        90.00 
_cell.angle_beta         90.00 
_cell.angle_gamma        90.00 
_cell.Z_PDB              8 
_cell.pdbx_unique_axis   ? 
# 
_symmetry.entry_id                         1TUC 
_symmetry.space_group_name_H-M             'P 43 21 2' 
_symmetry.pdbx_full_space_group_name_H-M   ? 
_symmetry.cell_setting                     ? 
_symmetry.Int_Tables_number                96 
# 
_exptl.entry_id          1TUC 
_exptl.method            'X-RAY DIFFRACTION' 
_exptl.crystals_number   ? 
# 
_exptl_crystal.id                    1 
_exptl_crystal.density_meas          ? 
_exptl_crystal.density_Matthews      2.80 
_exptl_crystal.density_percent_sol   64. 
_exptl_crystal.description           ? 
# 
_diffrn.id                     1 
_diffrn.ambient_temp           ? 
_diffrn.ambient_temp_details   ? 
_diffrn.crystal_id             1 
# 
_diffrn_detector.diffrn_id              1 
_diffrn_detector.detector               'IMAGE PLATE' 
_diffrn_detector.type                   MARRESEARCH 
_diffrn_detector.pdbx_collection_date   1996-01-08 
_diffrn_detector.details                ? 
# 
_diffrn_radiation.diffrn_id                        1 
_diffrn_radiation.wavelength_id                    1 
_diffrn_radiation.pdbx_monochromatic_or_laue_m_l   M 
_diffrn_radiation.monochromator                    ? 
_diffrn_radiation.pdbx_diffrn_protocol             ? 
_diffrn_radiation.pdbx_scattering_type             x-ray 
# 
_diffrn_radiation_wavelength.id           1 
_diffrn_radiation_wavelength.wavelength   1.5418 
_diffrn_radiation_wavelength.wt           1.0 
# 
_diffrn_source.diffrn_id                   1 
_diffrn_source.source                      ? 
_diffrn_source.type                        ? 
_diffrn_source.pdbx_synchrotron_site       ? 
_diffrn_source.pdbx_synchrotron_beamline   ? 
_diffrn_source.pdbx_wavelength             1.5418 
_diffrn_source.pdbx_wavelength_list        ? 
# 
_reflns.entry_id                     1TUC 
_reflns.observed_criterion_sigma_I   0.0 
_reflns.observed_criterion_sigma_F   ? 
_reflns.d_resolution_low             100.0 
_reflns.d_resolution_high            2.02 
_reflns.number_obs                   5738 
_reflns.number_all                   ? 
_reflns.percent_possible_obs         98.8 
_reflns.pdbx_Rmerge_I_obs            0.0600000 
_reflns.pdbx_Rsym_value              ? 
_reflns.pdbx_netI_over_sigmaI        ? 
_reflns.B_iso_Wilson_estimate        ? 
_reflns.pdbx_redundancy              5.80 
_reflns.pdbx_diffrn_id               1 
_reflns.pdbx_ordinal                 1 
# 
_refine.entry_id                                 1TUC 
_refine.ls_number_reflns_obs                     5675 
_refine.ls_number_reflns_all                     ? 
_refine.pdbx_ls_sigma_I                          ? 
_refine.pdbx_ls_sigma_F                          1.0 
_refine.pdbx_data_cutoff_high_absF               ? 
_refine.pdbx_data_cutoff_low_absF                ? 
_refine.pdbx_data_cutoff_high_rms_absF           ? 
_refine.ls_d_res_low                             8.0 
_refine.ls_d_res_high                            2.02 
_refine.ls_percent_reflns_obs                    ? 
_refine.ls_R_factor_obs                          0.2140000 
_refine.ls_R_factor_all                          ? 
_refine.ls_R_factor_R_work                       0.2140000 
_refine.ls_R_factor_R_free                       0.2900000 
_refine.ls_R_factor_R_free_error                 ? 
_refine.ls_R_factor_R_free_error_details         ? 
_refine.ls_percent_reflns_R_free                 ? 
_refine.ls_number_reflns_R_free                  ? 
_refine.ls_number_parameters                     ? 
_refine.ls_number_restraints                     ? 
_refine.occupancy_min                            ? 
_refine.occupancy_max                            ? 
_refine.B_iso_mean                               29.88 
_refine.aniso_B[1][1]                            ? 
_refine.aniso_B[2][2]                            ? 
_refine.aniso_B[3][3]                            ? 
_refine.aniso_B[1][2]                            ? 
_refine.aniso_B[1][3]                            ? 
_refine.aniso_B[2][3]                            ? 
_refine.solvent_model_details                    ? 
_refine.solvent_model_param_ksol                 ? 
_refine.solvent_model_param_bsol                 ? 
_refine.pdbx_ls_cross_valid_method               ? 
_refine.details                                  
;THE TWO C-TERMINAL RESIDUES
(LYS 18, SER 19) ARE NOT VISIBLE IN THE ELECTRON
DENSITY MAP.  THERE IS NO SIDE CHAIN ELECTRON DENSITY
FOR GLU 17.
;
_refine.pdbx_starting_model                      ? 
_refine.pdbx_method_to_determine_struct          ? 
_refine.pdbx_isotropic_thermal_model             ? 
_refine.pdbx_stereochemistry_target_values       ? 
_refine.pdbx_stereochem_target_val_spec_case     ? 
_refine.pdbx_R_Free_selection_details            ? 
_refine.pdbx_overall_ESU_R                       ? 
_refine.pdbx_overall_ESU_R_Free                  ? 
_refine.overall_SU_ML                            ? 
_refine.overall_SU_B                             ? 
_refine.pdbx_refine_id                           'X-RAY DIFFRACTION' 
_refine.pdbx_diffrn_id                           1 
_refine.pdbx_TLS_residual_ADP_flag               ? 
_refine.correlation_coeff_Fo_to_Fc               ? 
_refine.correlation_coeff_Fo_to_Fc_free          ? 
_refine.pdbx_solvent_vdw_probe_radii             ? 
_refine.pdbx_solvent_ion_probe_radii             ? 
_refine.pdbx_solvent_shrinkage_radii             ? 
_refine.pdbx_overall_phase_error                 ? 
_refine.overall_SU_R_Cruickshank_DPI             ? 
_refine.pdbx_overall_SU_R_free_Cruickshank_DPI   ? 
_refine.pdbx_overall_SU_R_Blow_DPI               ? 
_refine.pdbx_overall_SU_R_free_Blow_DPI          ? 
# 
_refine_hist.pdbx_refine_id                   'X-RAY DIFFRACTION' 
_refine_hist.cycle_id                         LAST 
_refine_hist.pdbx_number_atoms_protein        484 
_refine_hist.pdbx_number_atoms_nucleic_acid   0 
_refine_hist.pdbx_number_atoms_ligand         0 
_refine_hist.number_atoms_solvent             70 
_refine_hist.number_atoms_total               554 
_refine_hist.d_res_high                       2.02 
_refine_hist.d_res_low                        8.0 
# 
loop_
_refine_ls_restr.type 
_refine_ls_restr.dev_ideal 
_refine_ls_restr.dev_ideal_target 
_refine_ls_restr.weight 
_refine_ls_restr.number 
_refine_ls_restr.pdbx_refine_id 
_refine_ls_restr.pdbx_restraint_function 
x_bond_d                0.010 ? ? ? 'X-RAY DIFFRACTION' ? 
x_bond_d_na             ?     ? ? ? 'X-RAY DIFFRACTION' ? 
x_bond_d_prot           ?     ? ? ? 'X-RAY DIFFRACTION' ? 
x_angle_d               ?     ? ? ? 'X-RAY DIFFRACTION' ? 
x_angle_d_na            ?     ? ? ? 'X-RAY DIFFRACTION' ? 
x_angle_d_prot          ?     ? ? ? 'X-RAY DIFFRACTION' ? 
x_angle_deg             1.577 ? ? ? 'X-RAY DIFFRACTION' ? 
x_angle_deg_na          ?     ? ? ? 'X-RAY DIFFRACTION' ? 
x_angle_deg_prot        ?     ? ? ? 'X-RAY DIFFRACTION' ? 
x_dihedral_angle_d      ?     ? ? ? 'X-RAY DIFFRACTION' ? 
x_dihedral_angle_d_na   ?     ? ? ? 'X-RAY DIFFRACTION' ? 
x_dihedral_angle_d_prot ?     ? ? ? 'X-RAY DIFFRACTION' ? 
x_improper_angle_d      1.262 ? ? ? 'X-RAY DIFFRACTION' ? 
x_improper_angle_d_na   ?     ? ? ? 'X-RAY DIFFRACTION' ? 
x_improper_angle_d_prot ?     ? ? ? 'X-RAY DIFFRACTION' ? 
x_mcbond_it             ?     ? ? ? 'X-RAY DIFFRACTION' ? 
x_mcangle_it            ?     ? ? ? 'X-RAY DIFFRACTION' ? 
x_scbond_it             ?     ? ? ? 'X-RAY DIFFRACTION' ? 
x_scangle_it            ?     ? ? ? 'X-RAY DIFFRACTION' ? 
# 
_struct.entry_id                  1TUC 
_struct.title                     'ALPHA-SPECTRIN SRC HOMOLOGY 3 DOMAIN, CIRCULAR PERMUTANT, CUT AT S19-P20' 
_struct.pdbx_model_details        ? 
_struct.pdbx_CASP_flag            ? 
_struct.pdbx_model_type_details   ? 
# 
_struct_keywords.entry_id        1TUC 
_struct_keywords.pdbx_keywords   CYTOSKELETON 
_struct_keywords.text            'CAPPING PROTEIN, CALCIUM-BINDING, DUPLICATION, SH3 DOMAIN, CYTOSKELETON' 
# 
loop_
_struct_asym.id 
_struct_asym.pdbx_blank_PDB_chainid_flag 
_struct_asym.pdbx_modified 
_struct_asym.entity_id 
_struct_asym.details 
A N N 1 ? 
B N N 2 ? 
# 
_struct_ref.id                         1 
_struct_ref.db_name                    UNP 
_struct_ref.db_code                    SPTA2_CHICK 
_struct_ref.entity_id                  1 
_struct_ref.pdbx_db_accession          P07751 
_struct_ref.pdbx_align_begin           1 
_struct_ref.pdbx_seq_one_letter_code   
;MDPSGVKVLETAEDIQERRQQVLDRYHRFKELSSLRRQKLEDSYRFQFFQRDADELGKWIQEKLQIASDENYKDPSNLQG
KLQKHQAFEAEVQANSGAIVKLDETGNQMINEGHFASETIRTRLQELHRLWELLLEKMREKGVKLLQAQKLVQFLRECED
VMDWINDKEAIVTSEELGQDLEHVEVLQKKFEEFQTDLAAHEERVNEVNQFAGKLIQEQHPEEELIKSKQDEVNASWQRL
KGLAQQRQGKLFGAAEVQRFNRDVDETISWIKEKGQLMASDDFGRDLASVQALLRKHEGLERDLAAFHHKVKALCAEADR
LQQSHPINASQIQVKREELIANWEQIRTLAAERHARLNDSYRLQRFLADFRDLTSWVTEMKALINADELANDVAGAEALL
DRHQEHKGEIDAHEDSFRSADESGQALLAAGHYASDEVKEKLTILSDERSALLELWELRRQQYEQCMDLQLFYRDTEQVD
NWMSKQEAFLLNEDLGDSLDSVEALLKKHEDFEKSLSAQEEKITALDEFATKLIQNNHYAMDDVATRRDALLSRRNALHE
RAMKRRAQLADSFHLQQFFRDSDELKSWVNEKMKTATDEAYKDPSNLQGKVQKHQAFEAELSANQSRIDALEKAGQKLID
VNHYASDEVAARMNEVISLWKKLLEATELKGIKLREANQQQQFNRNVEDIELWLYEVEGHLASDDYGKDLTSVQNLQKKH
ALLEADVAAHQDPIDGITIQARQFQDAGHFDADNIKKKQEALVARYEALKDPMVARKQKLADSLRLQQLFRDIEDEETWI
REKEPIAASTNRGKDLIGVQNLLKKHQALQAEIAGHEPRIKAVTQKGNAMVEEGHFAAEDVKIKLNELNQKWDSLKAKAS
QRRQDLEDSLQAQQYFADANEAQSWMREKEPIVGSTDYGKDEDSAEALLKKHEALMSDLSAYGSSIQALREQAQSCRQQV
APTDDETGKELVLALYDYQEKSPREVTMKKGDILTLLNSTNKDWWKVEVNDRQGFVPAAYVKKLDPAQSASRENLLEEQG
SIALRQEQIDNQTLITKEVGSVSLRMKQVEELYHSLLELGEKRKGMLEKSCKKFMLFREANELQQWINEKEAALTNEEVG
ADLEQVEVLQKKFDDFQKDLKANESRLKDINKVANDLESEGLMAEEVQAVEHQEVYGMMPRDETDSKTVSPWKSARMMVH
TVATFNSIKELNERWRSLQQLAEERSQLLGSADEVQRFHRDADETKEWIEEKNQALNTDNYGHDLASVQALQRNDEGFER
DLAALGDKVNSLGETAQRLIQSHPELAEDLQEKCTELNQAWSSLGKRADQRKEKLGDSHDLQRFLSDFRDLMSWINGIRG
LVSSDELAKDVTGAEALLERHQEHRTEIDARAGTFQAFEQFGQQLLARGHYASPEIKEKLDILDQERTDLEKAWVQRRMM
LDQCLELQLFHRDCEQAENWMAAREAFLNTEDKGDSLDSVEALIKKHEDFDKAINVQEEKIAVLQSFADQLIAADHYAKG
VIANRRNEVLDRWRRLKAQMIEKRSKLGESQTLQQFSRDVDEIEAWISEKLQTASDESYKDPTNIQLSKLLSKHQKHQAF
EAELHANADRIRGVIEMGNPLIERGACAGSEDAVKARLAALADQWEFLVQKSSEKSQKLKEANKQQNFNTGIKDFDFWLS
EVEALLASEDYGKDLASVNNLLKKHQLLEADISAHEDRLKDLNSQADSLMTSSAFDTSQVKDKRETINGRFQRIKSMAAA
RRAKLNESHRLHQFFRDMDDEESWIKEKKLLVSSEDYGRDLTGVQNLRKKHKRLEAELAAHEPAIQGVLDTGKKLSDDNT
IGKEEIQQRLAQFVDHWKELKQLAAARGQRLEESLEYQQFVANVEEEEAWINEKMTLVASEDYGDTLAAIQGLLKKHEAF
ETDFTVHKDRVNDVCANGEDLIKKNNHHVENITAKMKGLKGKVSDLEKAAAQRKAKLDENSAFLQFNWKADVVESWIGEK
ENSLKTDDYGRDLSSVQTLLTKQETFDAGLQAFQQEGIANITALKDQLLAAKHIQSKAIEVRHASLMKRWNQLLANSAAR
KKKLLEAQEHFRKVEDLFLTFAKKASAFNSWFENAEEDLTDPVRCNSLEEIKALREAHDAFRSSLSSAQADFNQLAELDR
QIKSFRVASNPYTWFTMEALEETWRNLQKIIKERELELQKEQRRQEENDKLRQEFAQHANAFHQWIQETRTYLLDGSCMV
EESGTLESQLEATKRKHQEIRAMRSQLKKIEDLGAAMEEALILDNKYTEHSTVGLAQQWDQLDQLGMRMQHNLEQQIQAR
NTTGVTEEALKEFSMMFKHFDKDKSGRLNHQEFKSCLRSLGYDLPMVEEGEPDPEFESILDTVDPNRDGHVSLQEYMAFM
ISRETENVKSSEEIESAFRALSSERKPYVTKEELYQNLTREQADYCISHMKPYMDGKGRELPSAYDYIEFTRSLFVN
;
_struct_ref.pdbx_db_isoform            ? 
# 
_struct_ref_seq.align_id                      1 
_struct_ref_seq.ref_id                        1 
_struct_ref_seq.pdbx_PDB_id_code              1TUC 
_struct_ref_seq.pdbx_strand_id                A 
_struct_ref_seq.seq_align_beg                 3 
_struct_ref_seq.pdbx_seq_align_beg_ins_code   ? 
_struct_ref_seq.seq_align_end                 63 
_struct_ref_seq.pdbx_seq_align_end_ins_code   ? 
_struct_ref_seq.pdbx_db_accession             P07751 
_struct_ref_seq.db_align_beg                  983 
_struct_ref_seq.pdbx_db_align_beg_ins_code    ? 
_struct_ref_seq.db_align_end                  1061 
_struct_ref_seq.pdbx_db_align_end_ins_code    ? 
_struct_ref_seq.pdbx_auth_seq_align_beg       20 
_struct_ref_seq.pdbx_auth_seq_align_end       19 
# 
loop_
_struct_ref_seq_dif.align_id 
_struct_ref_seq_dif.pdbx_pdb_id_code 
_struct_ref_seq_dif.mon_id 
_struct_ref_seq_dif.pdbx_pdb_strand_id 
_struct_ref_seq_dif.seq_num 
_struct_ref_seq_dif.pdbx_pdb_ins_code 
_struct_ref_seq_dif.pdbx_seq_db_name 
_struct_ref_seq_dif.pdbx_seq_db_accession_code 
_struct_ref_seq_dif.db_mon_id 
_struct_ref_seq_dif.pdbx_seq_db_seq_num 
_struct_ref_seq_dif.details 
_struct_ref_seq_dif.pdbx_auth_seq_num 
_struct_ref_seq_dif.pdbx_ordinal 
1 1TUC ?   A ?  ? UNP P07751 PRO 1026 deletion  ?  1  
1 1TUC ?   A ?  ? UNP P07751 ALA 1027 deletion  ?  2  
1 1TUC ?   A ?  ? UNP P07751 GLN 1028 deletion  ?  3  
1 1TUC GLY A 47 ? UNP P07751 ?   ?    insertion 3  4  
1 1TUC THR A 48 ? UNP P07751 ALA 1030 conflict  4  5  
1 1TUC GLY A 49 ? UNP P07751 SER 1031 conflict  5  6  
1 1TUC LYS A 50 ? UNP P07751 ARG 1032 conflict  6  7  
1 1TUC LEU A 52 ? UNP P07751 ASN 1034 conflict  8  8  
1 1TUC VAL A 53 ? UNP P07751 LEU 1035 conflict  9  9  
1 1TUC ?   A ?  ? UNP P07751 GLU 1037 deletion  ?  10 
1 1TUC ?   A ?  ? UNP P07751 GLU 1038 deletion  ?  11 
1 1TUC ?   A ?  ? UNP P07751 GLN 1039 deletion  ?  12 
1 1TUC ?   A ?  ? UNP P07751 GLY 1040 deletion  ?  13 
1 1TUC ?   A ?  ? UNP P07751 SER 1041 deletion  ?  14 
1 1TUC ?   A ?  ? UNP P07751 ILE 1042 deletion  ?  15 
1 1TUC ?   A ?  ? UNP P07751 ARG 1045 deletion  ?  16 
1 1TUC ?   A ?  ? UNP P07751 GLN 1046 deletion  ?  17 
1 1TUC ?   A ?  ? UNP P07751 GLU 1047 deletion  ?  18 
1 1TUC ?   A ?  ? UNP P07751 GLN 1048 deletion  ?  19 
1 1TUC TYR A 57 ? UNP P07751 ILE 1049 conflict  13 20 
1 1TUC TYR A 59 ? UNP P07751 ASN 1051 conflict  15 21 
1 1TUC ?   A ?  ? UNP P07751 THR 1053 deletion  ?  22 
1 1TUC ?   A ?  ? UNP P07751 LEU 1054 deletion  ?  23 
1 1TUC ?   A ?  ? UNP P07751 ILE 1055 deletion  ?  24 
1 1TUC ?   A ?  ? UNP P07751 THR 1056 deletion  ?  25 
1 1TUC ?   A ?  ? UNP P07751 LYS 1057 deletion  ?  26 
1 1TUC ?   A ?  ? UNP P07751 VAL 1059 deletion  ?  27 
1 1TUC LYS A 62 ? UNP P07751 GLY 1060 conflict  18 28 
# 
_pdbx_struct_assembly.id                   1 
_pdbx_struct_assembly.details              author_defined_assembly 
_pdbx_struct_assembly.method_details       ? 
_pdbx_struct_assembly.oligomeric_details   monomeric 
_pdbx_struct_assembly.oligomeric_count     1 
# 
_pdbx_struct_assembly_gen.assembly_id       1 
_pdbx_struct_assembly_gen.oper_expression   1 
_pdbx_struct_assembly_gen.asym_id_list      A,B 
# 
_pdbx_struct_oper_list.id                   1 
_pdbx_struct_oper_list.type                 'identity operation' 
_pdbx_struct_oper_list.name                 1_555 
_pdbx_struct_oper_list.symmetry_operation   x,y,z 
_pdbx_struct_oper_list.matrix[1][1]         1.0000000000 
_pdbx_struct_oper_list.matrix[1][2]         0.0000000000 
_pdbx_struct_oper_list.matrix[1][3]         0.0000000000 
_pdbx_struct_oper_list.vector[1]            0.0000000000 
_pdbx_struct_oper_list.matrix[2][1]         0.0000000000 
_pdbx_struct_oper_list.matrix[2][2]         1.0000000000 
_pdbx_struct_oper_list.matrix[2][3]         0.0000000000 
_pdbx_struct_oper_list.vector[2]            0.0000000000 
_pdbx_struct_oper_list.matrix[3][1]         0.0000000000 
_pdbx_struct_oper_list.matrix[3][2]         0.0000000000 
_pdbx_struct_oper_list.matrix[3][3]         1.0000000000 
_pdbx_struct_oper_list.vector[3]            0.0000000000 
# 
_struct_biol.id   1 
# 
_struct_conf.conf_type_id            HELX_P 
_struct_conf.id                      HELX_P1 
_struct_conf.pdbx_PDB_helix_id       1 
_struct_conf.beg_label_comp_id       ALA 
_struct_conf.beg_label_asym_id       A 
_struct_conf.beg_label_seq_id        38 
_struct_conf.pdbx_beg_PDB_ins_code   ? 
_struct_conf.end_label_comp_id       TYR 
_struct_conf.end_label_asym_id       A 
_struct_conf.end_label_seq_id        40 
_struct_conf.pdbx_end_PDB_ins_code   ? 
_struct_conf.beg_auth_comp_id        ALA 
_struct_conf.beg_auth_asym_id        A 
_struct_conf.beg_auth_seq_id         55 
_struct_conf.end_auth_comp_id        TYR 
_struct_conf.end_auth_asym_id        A 
_struct_conf.end_auth_seq_id         57 
_struct_conf.pdbx_PDB_helix_class    5 
_struct_conf.details                 ? 
_struct_conf.pdbx_PDB_helix_length   3 
# 
_struct_conf_type.id          HELX_P 
_struct_conf_type.criteria    ? 
_struct_conf_type.reference   ? 
# 
_struct_sheet.id               A 
_struct_sheet.type             ? 
_struct_sheet.number_strands   5 
_struct_sheet.details          ? 
# 
loop_
_struct_sheet_order.sheet_id 
_struct_sheet_order.range_id_1 
_struct_sheet_order.range_id_2 
_struct_sheet_order.offset 
_struct_sheet_order.sense 
A 1 2 ? anti-parallel 
A 2 3 ? anti-parallel 
A 3 4 ? anti-parallel 
A 4 5 ? anti-parallel 
# 
loop_
_struct_sheet_range.sheet_id 
_struct_sheet_range.id 
_struct_sheet_range.beg_label_comp_id 
_struct_sheet_range.beg_label_asym_id 
_struct_sheet_range.beg_label_seq_id 
_struct_sheet_range.pdbx_beg_PDB_ins_code 
_struct_sheet_range.end_label_comp_id 
_struct_sheet_range.end_label_asym_id 
_struct_sheet_range.end_label_seq_id 
_struct_sheet_range.pdbx_end_PDB_ins_code 
_struct_sheet_range.beg_auth_comp_id 
_struct_sheet_range.beg_auth_asym_id 
_struct_sheet_range.beg_auth_seq_id 
_struct_sheet_range.end_auth_comp_id 
_struct_sheet_range.end_auth_asym_id 
_struct_sheet_range.end_auth_seq_id 
A 1 VAL A 41 ? LYS A 43 ? VAL A 58 LYS A 60 
A 2 LEU A 52 ? ALA A 55 ? LEU A 8  ALA A 11 
A 3 ILE A 13 ? ASN A 18 ? ILE A 30 ASN A 35 
A 4 TRP A 24 ? VAL A 29 ? TRP A 41 VAL A 46 
A 5 ARG A 32 ? PRO A 37 ? ARG A 49 PRO A 54 
# 
loop_
_pdbx_struct_sheet_hbond.sheet_id 
_pdbx_struct_sheet_hbond.range_id_1 
_pdbx_struct_sheet_hbond.range_id_2 
_pdbx_struct_sheet_hbond.range_1_label_atom_id 
_pdbx_struct_sheet_hbond.range_1_label_comp_id 
_pdbx_struct_sheet_hbond.range_1_label_asym_id 
_pdbx_struct_sheet_hbond.range_1_label_seq_id 
_pdbx_struct_sheet_hbond.range_1_PDB_ins_code 
_pdbx_struct_sheet_hbond.range_1_auth_atom_id 
_pdbx_struct_sheet_hbond.range_1_auth_comp_id 
_pdbx_struct_sheet_hbond.range_1_auth_asym_id 
_pdbx_struct_sheet_hbond.range_1_auth_seq_id 
_pdbx_struct_sheet_hbond.range_2_label_atom_id 
_pdbx_struct_sheet_hbond.range_2_label_comp_id 
_pdbx_struct_sheet_hbond.range_2_label_asym_id 
_pdbx_struct_sheet_hbond.range_2_label_seq_id 
_pdbx_struct_sheet_hbond.range_2_PDB_ins_code 
_pdbx_struct_sheet_hbond.range_2_auth_atom_id 
_pdbx_struct_sheet_hbond.range_2_auth_comp_id 
_pdbx_struct_sheet_hbond.range_2_auth_asym_id 
_pdbx_struct_sheet_hbond.range_2_auth_seq_id 
A 1 2 O LYS A 42 ? O LYS A 59 N LEU A 54 ? N LEU A 10 
A 2 3 O VAL A 53 ? O VAL A 9  N LEU A 14 ? N LEU A 31 
A 3 4 O THR A 15 ? O THR A 32 N GLU A 28 ? N GLU A 45 
A 4 5 O TRP A 25 ? O TRP A 42 N VAL A 36 ? N VAL A 53 
# 
loop_
_pdbx_validate_torsion.id 
_pdbx_validate_torsion.PDB_model_num 
_pdbx_validate_torsion.auth_comp_id 
_pdbx_validate_torsion.auth_asym_id 
_pdbx_validate_torsion.auth_seq_id 
_pdbx_validate_torsion.PDB_ins_code 
_pdbx_validate_torsion.label_alt_id 
_pdbx_validate_torsion.phi 
_pdbx_validate_torsion.psi 
1 1 ASN A 47 ? ? 67.03  -122.16 
2 1 SER A 2  ? ? 149.48 176.70  
3 1 THR A 4  ? ? -28.55 132.05  
# 
_pdbx_entry_details.entry_id                 1TUC 
_pdbx_entry_details.compound_details         ? 
_pdbx_entry_details.source_details           ? 
_pdbx_entry_details.nonpolymer_details       ? 
_pdbx_entry_details.sequence_details         
;THIS IS A CIRCULAR PERMUTANT OF THE WT ALPHA-SPECTRIN SH3
SEQUENCE (PDB ENTRY WT-3D STRUCTURE: 1SGB).  THE RESIDUE
NUMBERS ARE AS IN THE WT SPECTRIN-SH3 DOMAIN (1SGB).
THR 4 (N-TERMINUS) AND ASP 62 (C-TERMINUS) OF THE WT-SH3
SEQUENCE ARE LINKED BY TWO ADDITIONAL RESIDUES (SER 2,
GLY 3).  THE CHAIN IS CLEAVED BETWEEN SER 19 AND PRO 20.
TWO RESIDUES ARE ADDED AT THE NEW N-TERMINUS (MET 100,
GLY 101).
;
_pdbx_entry_details.has_ligand_of_interest   ? 
# 
loop_
_pdbx_unobs_or_zero_occ_residues.id 
_pdbx_unobs_or_zero_occ_residues.PDB_model_num 
_pdbx_unobs_or_zero_occ_residues.polymer_flag 
_pdbx_unobs_or_zero_occ_residues.occupancy_flag 
_pdbx_unobs_or_zero_occ_residues.auth_asym_id 
_pdbx_unobs_or_zero_occ_residues.auth_comp_id 
_pdbx_unobs_or_zero_occ_residues.auth_seq_id 
_pdbx_unobs_or_zero_occ_residues.PDB_ins_code 
_pdbx_unobs_or_zero_occ_residues.label_asym_id 
_pdbx_unobs_or_zero_occ_residues.label_comp_id 
_pdbx_unobs_or_zero_occ_residues.label_seq_id 
1 1 Y 1 A LYS 18  ? A LYS 62 
2 1 Y 1 A SER 19  ? A SER 63 
3 1 N 0 A HOH 164 ? B HOH ?  
# 
loop_
_chem_comp_atom.comp_id 
_chem_comp_atom.atom_id 
_chem_comp_atom.type_symbol 
_chem_comp_atom.pdbx_aromatic_flag 
_chem_comp_atom.pdbx_stereo_config 
_chem_comp_atom.pdbx_ordinal 
ALA N    N N N 1   
ALA CA   C N S 2   
ALA C    C N N 3   
ALA O    O N N 4   
ALA CB   C N N 5   
ALA OXT  O N N 6   
ALA H    H N N 7   
ALA H2   H N N 8   
ALA HA   H N N 9   
ALA HB1  H N N 10  
ALA HB2  H N N 11  
ALA HB3  H N N 12  
ALA HXT  H N N 13  
ARG N    N N N 14  
ARG CA   C N S 15  
ARG C    C N N 16  
ARG O    O N N 17  
ARG CB   C N N 18  
ARG CG   C N N 19  
ARG CD   C N N 20  
ARG NE   N N N 21  
ARG CZ   C N N 22  
ARG NH1  N N N 23  
ARG NH2  N N N 24  
ARG OXT  O N N 25  
ARG H    H N N 26  
ARG H2   H N N 27  
ARG HA   H N N 28  
ARG HB2  H N N 29  
ARG HB3  H N N 30  
ARG HG2  H N N 31  
ARG HG3  H N N 32  
ARG HD2  H N N 33  
ARG HD3  H N N 34  
ARG HE   H N N 35  
ARG HH11 H N N 36  
ARG HH12 H N N 37  
ARG HH21 H N N 38  
ARG HH22 H N N 39  
ARG HXT  H N N 40  
ASN N    N N N 41  
ASN CA   C N S 42  
ASN C    C N N 43  
ASN O    O N N 44  
ASN CB   C N N 45  
ASN CG   C N N 46  
ASN OD1  O N N 47  
ASN ND2  N N N 48  
ASN OXT  O N N 49  
ASN H    H N N 50  
ASN H2   H N N 51  
ASN HA   H N N 52  
ASN HB2  H N N 53  
ASN HB3  H N N 54  
ASN HD21 H N N 55  
ASN HD22 H N N 56  
ASN HXT  H N N 57  
ASP N    N N N 58  
ASP CA   C N S 59  
ASP C    C N N 60  
ASP O    O N N 61  
ASP CB   C N N 62  
ASP CG   C N N 63  
ASP OD1  O N N 64  
ASP OD2  O N N 65  
ASP OXT  O N N 66  
ASP H    H N N 67  
ASP H2   H N N 68  
ASP HA   H N N 69  
ASP HB2  H N N 70  
ASP HB3  H N N 71  
ASP HD2  H N N 72  
ASP HXT  H N N 73  
GLN N    N N N 74  
GLN CA   C N S 75  
GLN C    C N N 76  
GLN O    O N N 77  
GLN CB   C N N 78  
GLN CG   C N N 79  
GLN CD   C N N 80  
GLN OE1  O N N 81  
GLN NE2  N N N 82  
GLN OXT  O N N 83  
GLN H    H N N 84  
GLN H2   H N N 85  
GLN HA   H N N 86  
GLN HB2  H N N 87  
GLN HB3  H N N 88  
GLN HG2  H N N 89  
GLN HG3  H N N 90  
GLN HE21 H N N 91  
GLN HE22 H N N 92  
GLN HXT  H N N 93  
GLU N    N N N 94  
GLU CA   C N S 95  
GLU C    C N N 96  
GLU O    O N N 97  
GLU CB   C N N 98  
GLU CG   C N N 99  
GLU CD   C N N 100 
GLU OE1  O N N 101 
GLU OE2  O N N 102 
GLU OXT  O N N 103 
GLU H    H N N 104 
GLU H2   H N N 105 
GLU HA   H N N 106 
GLU HB2  H N N 107 
GLU HB3  H N N 108 
GLU HG2  H N N 109 
GLU HG3  H N N 110 
GLU HE2  H N N 111 
GLU HXT  H N N 112 
GLY N    N N N 113 
GLY CA   C N N 114 
GLY C    C N N 115 
GLY O    O N N 116 
GLY OXT  O N N 117 
GLY H    H N N 118 
GLY H2   H N N 119 
GLY HA2  H N N 120 
GLY HA3  H N N 121 
GLY HXT  H N N 122 
HOH O    O N N 123 
HOH H1   H N N 124 
HOH H2   H N N 125 
ILE N    N N N 126 
ILE CA   C N S 127 
ILE C    C N N 128 
ILE O    O N N 129 
ILE CB   C N S 130 
ILE CG1  C N N 131 
ILE CG2  C N N 132 
ILE CD1  C N N 133 
ILE OXT  O N N 134 
ILE H    H N N 135 
ILE H2   H N N 136 
ILE HA   H N N 137 
ILE HB   H N N 138 
ILE HG12 H N N 139 
ILE HG13 H N N 140 
ILE HG21 H N N 141 
ILE HG22 H N N 142 
ILE HG23 H N N 143 
ILE HD11 H N N 144 
ILE HD12 H N N 145 
ILE HD13 H N N 146 
ILE HXT  H N N 147 
LEU N    N N N 148 
LEU CA   C N S 149 
LEU C    C N N 150 
LEU O    O N N 151 
LEU CB   C N N 152 
LEU CG   C N N 153 
LEU CD1  C N N 154 
LEU CD2  C N N 155 
LEU OXT  O N N 156 
LEU H    H N N 157 
LEU H2   H N N 158 
LEU HA   H N N 159 
LEU HB2  H N N 160 
LEU HB3  H N N 161 
LEU HG   H N N 162 
LEU HD11 H N N 163 
LEU HD12 H N N 164 
LEU HD13 H N N 165 
LEU HD21 H N N 166 
LEU HD22 H N N 167 
LEU HD23 H N N 168 
LEU HXT  H N N 169 
LYS N    N N N 170 
LYS CA   C N S 171 
LYS C    C N N 172 
LYS O    O N N 173 
LYS CB   C N N 174 
LYS CG   C N N 175 
LYS CD   C N N 176 
LYS CE   C N N 177 
LYS NZ   N N N 178 
LYS OXT  O N N 179 
LYS H    H N N 180 
LYS H2   H N N 181 
LYS HA   H N N 182 
LYS HB2  H N N 183 
LYS HB3  H N N 184 
LYS HG2  H N N 185 
LYS HG3  H N N 186 
LYS HD2  H N N 187 
LYS HD3  H N N 188 
LYS HE2  H N N 189 
LYS HE3  H N N 190 
LYS HZ1  H N N 191 
LYS HZ2  H N N 192 
LYS HZ3  H N N 193 
LYS HXT  H N N 194 
MET N    N N N 195 
MET CA   C N S 196 
MET C    C N N 197 
MET O    O N N 198 
MET CB   C N N 199 
MET CG   C N N 200 
MET SD   S N N 201 
MET CE   C N N 202 
MET OXT  O N N 203 
MET H    H N N 204 
MET H2   H N N 205 
MET HA   H N N 206 
MET HB2  H N N 207 
MET HB3  H N N 208 
MET HG2  H N N 209 
MET HG3  H N N 210 
MET HE1  H N N 211 
MET HE2  H N N 212 
MET HE3  H N N 213 
MET HXT  H N N 214 
PHE N    N N N 215 
PHE CA   C N S 216 
PHE C    C N N 217 
PHE O    O N N 218 
PHE CB   C N N 219 
PHE CG   C Y N 220 
PHE CD1  C Y N 221 
PHE CD2  C Y N 222 
PHE CE1  C Y N 223 
PHE CE2  C Y N 224 
PHE CZ   C Y N 225 
PHE OXT  O N N 226 
PHE H    H N N 227 
PHE H2   H N N 228 
PHE HA   H N N 229 
PHE HB2  H N N 230 
PHE HB3  H N N 231 
PHE HD1  H N N 232 
PHE HD2  H N N 233 
PHE HE1  H N N 234 
PHE HE2  H N N 235 
PHE HZ   H N N 236 
PHE HXT  H N N 237 
PRO N    N N N 238 
PRO CA   C N S 239 
PRO C    C N N 240 
PRO O    O N N 241 
PRO CB   C N N 242 
PRO CG   C N N 243 
PRO CD   C N N 244 
PRO OXT  O N N 245 
PRO H    H N N 246 
PRO HA   H N N 247 
PRO HB2  H N N 248 
PRO HB3  H N N 249 
PRO HG2  H N N 250 
PRO HG3  H N N 251 
PRO HD2  H N N 252 
PRO HD3  H N N 253 
PRO HXT  H N N 254 
SER N    N N N 255 
SER CA   C N S 256 
SER C    C N N 257 
SER O    O N N 258 
SER CB   C N N 259 
SER OG   O N N 260 
SER OXT  O N N 261 
SER H    H N N 262 
SER H2   H N N 263 
SER HA   H N N 264 
SER HB2  H N N 265 
SER HB3  H N N 266 
SER HG   H N N 267 
SER HXT  H N N 268 
THR N    N N N 269 
THR CA   C N S 270 
THR C    C N N 271 
THR O    O N N 272 
THR CB   C N R 273 
THR OG1  O N N 274 
THR CG2  C N N 275 
THR OXT  O N N 276 
THR H    H N N 277 
THR H2   H N N 278 
THR HA   H N N 279 
THR HB   H N N 280 
THR HG1  H N N 281 
THR HG21 H N N 282 
THR HG22 H N N 283 
THR HG23 H N N 284 
THR HXT  H N N 285 
TRP N    N N N 286 
TRP CA   C N S 287 
TRP C    C N N 288 
TRP O    O N N 289 
TRP CB   C N N 290 
TRP CG   C Y N 291 
TRP CD1  C Y N 292 
TRP CD2  C Y N 293 
TRP NE1  N Y N 294 
TRP CE2  C Y N 295 
TRP CE3  C Y N 296 
TRP CZ2  C Y N 297 
TRP CZ3  C Y N 298 
TRP CH2  C Y N 299 
TRP OXT  O N N 300 
TRP H    H N N 301 
TRP H2   H N N 302 
TRP HA   H N N 303 
TRP HB2  H N N 304 
TRP HB3  H N N 305 
TRP HD1  H N N 306 
TRP HE1  H N N 307 
TRP HE3  H N N 308 
TRP HZ2  H N N 309 
TRP HZ3  H N N 310 
TRP HH2  H N N 311 
TRP HXT  H N N 312 
TYR N    N N N 313 
TYR CA   C N S 314 
TYR C    C N N 315 
TYR O    O N N 316 
TYR CB   C N N 317 
TYR CG   C Y N 318 
TYR CD1  C Y N 319 
TYR CD2  C Y N 320 
TYR CE1  C Y N 321 
TYR CE2  C Y N 322 
TYR CZ   C Y N 323 
TYR OH   O N N 324 
TYR OXT  O N N 325 
TYR H    H N N 326 
TYR H2   H N N 327 
TYR HA   H N N 328 
TYR HB2  H N N 329 
TYR HB3  H N N 330 
TYR HD1  H N N 331 
TYR HD2  H N N 332 
TYR HE1  H N N 333 
TYR HE2  H N N 334 
TYR HH   H N N 335 
TYR HXT  H N N 336 
VAL N    N N N 337 
VAL CA   C N S 338 
VAL C    C N N 339 
VAL O    O N N 340 
VAL CB   C N N 341 
VAL CG1  C N N 342 
VAL CG2  C N N 343 
VAL OXT  O N N 344 
VAL H    H N N 345 
VAL H2   H N N 346 
VAL HA   H N N 347 
VAL HB   H N N 348 
VAL HG11 H N N 349 
VAL HG12 H N N 350 
VAL HG13 H N N 351 
VAL HG21 H N N 352 
VAL HG22 H N N 353 
VAL HG23 H N N 354 
VAL HXT  H N N 355 
# 
loop_
_chem_comp_bond.comp_id 
_chem_comp_bond.atom_id_1 
_chem_comp_bond.atom_id_2 
_chem_comp_bond.value_order 
_chem_comp_bond.pdbx_aromatic_flag 
_chem_comp_bond.pdbx_stereo_config 
_chem_comp_bond.pdbx_ordinal 
ALA N   CA   sing N N 1   
ALA N   H    sing N N 2   
ALA N   H2   sing N N 3   
ALA CA  C    sing N N 4   
ALA CA  CB   sing N N 5   
ALA CA  HA   sing N N 6   
ALA C   O    doub N N 7   
ALA C   OXT  sing N N 8   
ALA CB  HB1  sing N N 9   
ALA CB  HB2  sing N N 10  
ALA CB  HB3  sing N N 11  
ALA OXT HXT  sing N N 12  
ARG N   CA   sing N N 13  
ARG N   H    sing N N 14  
ARG N   H2   sing N N 15  
ARG CA  C    sing N N 16  
ARG CA  CB   sing N N 17  
ARG CA  HA   sing N N 18  
ARG C   O    doub N N 19  
ARG C   OXT  sing N N 20  
ARG CB  CG   sing N N 21  
ARG CB  HB2  sing N N 22  
ARG CB  HB3  sing N N 23  
ARG CG  CD   sing N N 24  
ARG CG  HG2  sing N N 25  
ARG CG  HG3  sing N N 26  
ARG CD  NE   sing N N 27  
ARG CD  HD2  sing N N 28  
ARG CD  HD3  sing N N 29  
ARG NE  CZ   sing N N 30  
ARG NE  HE   sing N N 31  
ARG CZ  NH1  sing N N 32  
ARG CZ  NH2  doub N N 33  
ARG NH1 HH11 sing N N 34  
ARG NH1 HH12 sing N N 35  
ARG NH2 HH21 sing N N 36  
ARG NH2 HH22 sing N N 37  
ARG OXT HXT  sing N N 38  
ASN N   CA   sing N N 39  
ASN N   H    sing N N 40  
ASN N   H2   sing N N 41  
ASN CA  C    sing N N 42  
ASN CA  CB   sing N N 43  
ASN CA  HA   sing N N 44  
ASN C   O    doub N N 45  
ASN C   OXT  sing N N 46  
ASN CB  CG   sing N N 47  
ASN CB  HB2  sing N N 48  
ASN CB  HB3  sing N N 49  
ASN CG  OD1  doub N N 50  
ASN CG  ND2  sing N N 51  
ASN ND2 HD21 sing N N 52  
ASN ND2 HD22 sing N N 53  
ASN OXT HXT  sing N N 54  
ASP N   CA   sing N N 55  
ASP N   H    sing N N 56  
ASP N   H2   sing N N 57  
ASP CA  C    sing N N 58  
ASP CA  CB   sing N N 59  
ASP CA  HA   sing N N 60  
ASP C   O    doub N N 61  
ASP C   OXT  sing N N 62  
ASP CB  CG   sing N N 63  
ASP CB  HB2  sing N N 64  
ASP CB  HB3  sing N N 65  
ASP CG  OD1  doub N N 66  
ASP CG  OD2  sing N N 67  
ASP OD2 HD2  sing N N 68  
ASP OXT HXT  sing N N 69  
GLN N   CA   sing N N 70  
GLN N   H    sing N N 71  
GLN N   H2   sing N N 72  
GLN CA  C    sing N N 73  
GLN CA  CB   sing N N 74  
GLN CA  HA   sing N N 75  
GLN C   O    doub N N 76  
GLN C   OXT  sing N N 77  
GLN CB  CG   sing N N 78  
GLN CB  HB2  sing N N 79  
GLN CB  HB3  sing N N 80  
GLN CG  CD   sing N N 81  
GLN CG  HG2  sing N N 82  
GLN CG  HG3  sing N N 83  
GLN CD  OE1  doub N N 84  
GLN CD  NE2  sing N N 85  
GLN NE2 HE21 sing N N 86  
GLN NE2 HE22 sing N N 87  
GLN OXT HXT  sing N N 88  
GLU N   CA   sing N N 89  
GLU N   H    sing N N 90  
GLU N   H2   sing N N 91  
GLU CA  C    sing N N 92  
GLU CA  CB   sing N N 93  
GLU CA  HA   sing N N 94  
GLU C   O    doub N N 95  
GLU C   OXT  sing N N 96  
GLU CB  CG   sing N N 97  
GLU CB  HB2  sing N N 98  
GLU CB  HB3  sing N N 99  
GLU CG  CD   sing N N 100 
GLU CG  HG2  sing N N 101 
GLU CG  HG3  sing N N 102 
GLU CD  OE1  doub N N 103 
GLU CD  OE2  sing N N 104 
GLU OE2 HE2  sing N N 105 
GLU OXT HXT  sing N N 106 
GLY N   CA   sing N N 107 
GLY N   H    sing N N 108 
GLY N   H2   sing N N 109 
GLY CA  C    sing N N 110 
GLY CA  HA2  sing N N 111 
GLY CA  HA3  sing N N 112 
GLY C   O    doub N N 113 
GLY C   OXT  sing N N 114 
GLY OXT HXT  sing N N 115 
HOH O   H1   sing N N 116 
HOH O   H2   sing N N 117 
ILE N   CA   sing N N 118 
ILE N   H    sing N N 119 
ILE N   H2   sing N N 120 
ILE CA  C    sing N N 121 
ILE CA  CB   sing N N 122 
ILE CA  HA   sing N N 123 
ILE C   O    doub N N 124 
ILE C   OXT  sing N N 125 
ILE CB  CG1  sing N N 126 
ILE CB  CG2  sing N N 127 
ILE CB  HB   sing N N 128 
ILE CG1 CD1  sing N N 129 
ILE CG1 HG12 sing N N 130 
ILE CG1 HG13 sing N N 131 
ILE CG2 HG21 sing N N 132 
ILE CG2 HG22 sing N N 133 
ILE CG2 HG23 sing N N 134 
ILE CD1 HD11 sing N N 135 
ILE CD1 HD12 sing N N 136 
ILE CD1 HD13 sing N N 137 
ILE OXT HXT  sing N N 138 
LEU N   CA   sing N N 139 
LEU N   H    sing N N 140 
LEU N   H2   sing N N 141 
LEU CA  C    sing N N 142 
LEU CA  CB   sing N N 143 
LEU CA  HA   sing N N 144 
LEU C   O    doub N N 145 
LEU C   OXT  sing N N 146 
LEU CB  CG   sing N N 147 
LEU CB  HB2  sing N N 148 
LEU CB  HB3  sing N N 149 
LEU CG  CD1  sing N N 150 
LEU CG  CD2  sing N N 151 
LEU CG  HG   sing N N 152 
LEU CD1 HD11 sing N N 153 
LEU CD1 HD12 sing N N 154 
LEU CD1 HD13 sing N N 155 
LEU CD2 HD21 sing N N 156 
LEU CD2 HD22 sing N N 157 
LEU CD2 HD23 sing N N 158 
LEU OXT HXT  sing N N 159 
LYS N   CA   sing N N 160 
LYS N   H    sing N N 161 
LYS N   H2   sing N N 162 
LYS CA  C    sing N N 163 
LYS CA  CB   sing N N 164 
LYS CA  HA   sing N N 165 
LYS C   O    doub N N 166 
LYS C   OXT  sing N N 167 
LYS CB  CG   sing N N 168 
LYS CB  HB2  sing N N 169 
LYS CB  HB3  sing N N 170 
LYS CG  CD   sing N N 171 
LYS CG  HG2  sing N N 172 
LYS CG  HG3  sing N N 173 
LYS CD  CE   sing N N 174 
LYS CD  HD2  sing N N 175 
LYS CD  HD3  sing N N 176 
LYS CE  NZ   sing N N 177 
LYS CE  HE2  sing N N 178 
LYS CE  HE3  sing N N 179 
LYS NZ  HZ1  sing N N 180 
LYS NZ  HZ2  sing N N 181 
LYS NZ  HZ3  sing N N 182 
LYS OXT HXT  sing N N 183 
MET N   CA   sing N N 184 
MET N   H    sing N N 185 
MET N   H2   sing N N 186 
MET CA  C    sing N N 187 
MET CA  CB   sing N N 188 
MET CA  HA   sing N N 189 
MET C   O    doub N N 190 
MET C   OXT  sing N N 191 
MET CB  CG   sing N N 192 
MET CB  HB2  sing N N 193 
MET CB  HB3  sing N N 194 
MET CG  SD   sing N N 195 
MET CG  HG2  sing N N 196 
MET CG  HG3  sing N N 197 
MET SD  CE   sing N N 198 
MET CE  HE1  sing N N 199 
MET CE  HE2  sing N N 200 
MET CE  HE3  sing N N 201 
MET OXT HXT  sing N N 202 
PHE N   CA   sing N N 203 
PHE N   H    sing N N 204 
PHE N   H2   sing N N 205 
PHE CA  C    sing N N 206 
PHE CA  CB   sing N N 207 
PHE CA  HA   sing N N 208 
PHE C   O    doub N N 209 
PHE C   OXT  sing N N 210 
PHE CB  CG   sing N N 211 
PHE CB  HB2  sing N N 212 
PHE CB  HB3  sing N N 213 
PHE CG  CD1  doub Y N 214 
PHE CG  CD2  sing Y N 215 
PHE CD1 CE1  sing Y N 216 
PHE CD1 HD1  sing N N 217 
PHE CD2 CE2  doub Y N 218 
PHE CD2 HD2  sing N N 219 
PHE CE1 CZ   doub Y N 220 
PHE CE1 HE1  sing N N 221 
PHE CE2 CZ   sing Y N 222 
PHE CE2 HE2  sing N N 223 
PHE CZ  HZ   sing N N 224 
PHE OXT HXT  sing N N 225 
PRO N   CA   sing N N 226 
PRO N   CD   sing N N 227 
PRO N   H    sing N N 228 
PRO CA  C    sing N N 229 
PRO CA  CB   sing N N 230 
PRO CA  HA   sing N N 231 
PRO C   O    doub N N 232 
PRO C   OXT  sing N N 233 
PRO CB  CG   sing N N 234 
PRO CB  HB2  sing N N 235 
PRO CB  HB3  sing N N 236 
PRO CG  CD   sing N N 237 
PRO CG  HG2  sing N N 238 
PRO CG  HG3  sing N N 239 
PRO CD  HD2  sing N N 240 
PRO CD  HD3  sing N N 241 
PRO OXT HXT  sing N N 242 
SER N   CA   sing N N 243 
SER N   H    sing N N 244 
SER N   H2   sing N N 245 
SER CA  C    sing N N 246 
SER CA  CB   sing N N 247 
SER CA  HA   sing N N 248 
SER C   O    doub N N 249 
SER C   OXT  sing N N 250 
SER CB  OG   sing N N 251 
SER CB  HB2  sing N N 252 
SER CB  HB3  sing N N 253 
SER OG  HG   sing N N 254 
SER OXT HXT  sing N N 255 
THR N   CA   sing N N 256 
THR N   H    sing N N 257 
THR N   H2   sing N N 258 
THR CA  C    sing N N 259 
THR CA  CB   sing N N 260 
THR CA  HA   sing N N 261 
THR C   O    doub N N 262 
THR C   OXT  sing N N 263 
THR CB  OG1  sing N N 264 
THR CB  CG2  sing N N 265 
THR CB  HB   sing N N 266 
THR OG1 HG1  sing N N 267 
THR CG2 HG21 sing N N 268 
THR CG2 HG22 sing N N 269 
THR CG2 HG23 sing N N 270 
THR OXT HXT  sing N N 271 
TRP N   CA   sing N N 272 
TRP N   H    sing N N 273 
TRP N   H2   sing N N 274 
TRP CA  C    sing N N 275 
TRP CA  CB   sing N N 276 
TRP CA  HA   sing N N 277 
TRP C   O    doub N N 278 
TRP C   OXT  sing N N 279 
TRP CB  CG   sing N N 280 
TRP CB  HB2  sing N N 281 
TRP CB  HB3  sing N N 282 
TRP CG  CD1  doub Y N 283 
TRP CG  CD2  sing Y N 284 
TRP CD1 NE1  sing Y N 285 
TRP CD1 HD1  sing N N 286 
TRP CD2 CE2  doub Y N 287 
TRP CD2 CE3  sing Y N 288 
TRP NE1 CE2  sing Y N 289 
TRP NE1 HE1  sing N N 290 
TRP CE2 CZ2  sing Y N 291 
TRP CE3 CZ3  doub Y N 292 
TRP CE3 HE3  sing N N 293 
TRP CZ2 CH2  doub Y N 294 
TRP CZ2 HZ2  sing N N 295 
TRP CZ3 CH2  sing Y N 296 
TRP CZ3 HZ3  sing N N 297 
TRP CH2 HH2  sing N N 298 
TRP OXT HXT  sing N N 299 
TYR N   CA   sing N N 300 
TYR N   H    sing N N 301 
TYR N   H2   sing N N 302 
TYR CA  C    sing N N 303 
TYR CA  CB   sing N N 304 
TYR CA  HA   sing N N 305 
TYR C   O    doub N N 306 
TYR C   OXT  sing N N 307 
TYR CB  CG   sing N N 308 
TYR CB  HB2  sing N N 309 
TYR CB  HB3  sing N N 310 
TYR CG  CD1  doub Y N 311 
TYR CG  CD2  sing Y N 312 
TYR CD1 CE1  sing Y N 313 
TYR CD1 HD1  sing N N 314 
TYR CD2 CE2  doub Y N 315 
TYR CD2 HD2  sing N N 316 
TYR CE1 CZ   doub Y N 317 
TYR CE1 HE1  sing N N 318 
TYR CE2 CZ   sing Y N 319 
TYR CE2 HE2  sing N N 320 
TYR CZ  OH   sing N N 321 
TYR OH  HH   sing N N 322 
TYR OXT HXT  sing N N 323 
VAL N   CA   sing N N 324 
VAL N   H    sing N N 325 
VAL N   H2   sing N N 326 
VAL CA  C    sing N N 327 
VAL CA  CB   sing N N 328 
VAL CA  HA   sing N N 329 
VAL C   O    doub N N 330 
VAL C   OXT  sing N N 331 
VAL CB  CG1  sing N N 332 
VAL CB  CG2  sing N N 333 
VAL CB  HB   sing N N 334 
VAL CG1 HG11 sing N N 335 
VAL CG1 HG12 sing N N 336 
VAL CG1 HG13 sing N N 337 
VAL CG2 HG21 sing N N 338 
VAL CG2 HG22 sing N N 339 
VAL CG2 HG23 sing N N 340 
VAL OXT HXT  sing N N 341 
# 
_atom_sites.entry_id                    1TUC 
_atom_sites.fract_transf_matrix[1][1]   -0.00845162 
_atom_sites.fract_transf_matrix[1][2]   0.00383203 
_atom_sites.fract_transf_matrix[1][3]   0.02204984 
_atom_sites.fract_transf_matrix[2][1]   0.01911952 
_atom_sites.fract_transf_matrix[2][2]   0.01348736 
_atom_sites.fract_transf_matrix[2][3]   0.00498448 
_atom_sites.fract_transf_matrix[3][1]   -0.00528326 
_atom_sites.fract_transf_matrix[3][2]   0.00880327 
_atom_sites.fract_transf_matrix[3][3]   -0.00355497 
_atom_sites.fract_transf_vector[1]      0.184107 
_atom_sites.fract_transf_vector[2]      0.252826 
_atom_sites.fract_transf_vector[3]      0.375909 
# 
loop_
_atom_type.symbol 
C 
N 
O 
S 
# 
loop_
_atom_site.group_PDB 
_atom_site.id 
_atom_site.type_symbol 
_atom_site.label_atom_id 
_atom_site.label_alt_id 
_atom_site.label_comp_id 
_atom_site.label_asym_id 
_atom_site.label_entity_id 
_atom_site.label_seq_id 
_atom_site.pdbx_PDB_ins_code 
_atom_site.Cartn_x 
_atom_site.Cartn_y 
_atom_site.Cartn_z 
_atom_site.occupancy 
_atom_site.B_iso_or_equiv 
_atom_site.pdbx_formal_charge 
_atom_site.auth_seq_id 
_atom_site.auth_comp_id 
_atom_site.auth_asym_id 
_atom_site.auth_atom_id 
_atom_site.pdbx_PDB_model_num 
ATOM   1   N N   . MET A 1 1  ? 8.697   -7.955  7.616   1.00 65.06 ? 100 MET A N   1 
ATOM   2   C CA  . MET A 1 1  ? 9.384   -6.690  7.965   1.00 64.33 ? 100 MET A CA  1 
ATOM   3   C C   . MET A 1 1  ? 10.720  -6.583  7.245   1.00 62.88 ? 100 MET A C   1 
ATOM   4   O O   . MET A 1 1  ? 11.385  -7.585  6.976   1.00 63.21 ? 100 MET A O   1 
ATOM   5   C CB  . MET A 1 1  ? 9.577   -6.578  9.476   1.00 65.86 ? 100 MET A CB  1 
ATOM   6   C CG  . MET A 1 1  ? 8.346   -6.108  10.201  1.00 67.25 ? 100 MET A CG  1 
ATOM   7   S SD  . MET A 1 1  ? 8.761   -5.530  11.831  1.00 69.45 ? 100 MET A SD  1 
ATOM   8   C CE  . MET A 1 1  ? 8.870   -3.788  11.537  1.00 68.16 ? 100 MET A CE  1 
ATOM   9   N N   . GLY A 1 2  ? 11.136  -5.352  7.001   1.00 60.86 ? 101 GLY A N   1 
ATOM   10  C CA  . GLY A 1 2  ? 12.375  -5.130  6.285   1.00 58.17 ? 101 GLY A CA  1 
ATOM   11  C C   . GLY A 1 2  ? 11.927  -4.869  4.871   1.00 56.42 ? 101 GLY A C   1 
ATOM   12  O O   . GLY A 1 2  ? 11.524  -5.802  4.182   1.00 56.62 ? 101 GLY A O   1 
ATOM   13  N N   . PRO A 1 3  ? 11.890  -3.594  4.448   1.00 54.87 ? 20  PRO A N   1 
ATOM   14  C CA  . PRO A 1 3  ? 11.471  -3.181  3.108   1.00 53.95 ? 20  PRO A CA  1 
ATOM   15  C C   . PRO A 1 3  ? 12.032  -4.020  1.962   1.00 53.61 ? 20  PRO A C   1 
ATOM   16  O O   . PRO A 1 3  ? 13.236  -4.288  1.894   1.00 52.14 ? 20  PRO A O   1 
ATOM   17  C CB  . PRO A 1 3  ? 11.943  -1.732  3.039   1.00 53.76 ? 20  PRO A CB  1 
ATOM   18  C CG  . PRO A 1 3  ? 11.775  -1.268  4.438   1.00 53.67 ? 20  PRO A CG  1 
ATOM   19  C CD  . PRO A 1 3  ? 12.328  -2.423  5.232   1.00 54.39 ? 20  PRO A CD  1 
ATOM   20  N N   . ARG A 1 4  ? 11.127  -4.434  1.078   1.00 54.14 ? 21  ARG A N   1 
ATOM   21  C CA  . ARG A 1 4  ? 11.446  -5.239  -0.098  1.00 54.46 ? 21  ARG A CA  1 
ATOM   22  C C   . ARG A 1 4  ? 10.701  -4.677  -1.296  1.00 53.07 ? 21  ARG A C   1 
ATOM   23  O O   . ARG A 1 4  ? 9.729   -3.942  -1.139  1.00 52.56 ? 21  ARG A O   1 
ATOM   24  C CB  . ARG A 1 4  ? 11.027  -6.690  0.122   1.00 56.09 ? 21  ARG A CB  1 
ATOM   25  C CG  . ARG A 1 4  ? 11.796  -7.369  1.239   1.00 59.57 ? 21  ARG A CG  1 
ATOM   26  C CD  . ARG A 1 4  ? 11.062  -8.567  1.812   1.00 62.17 ? 21  ARG A CD  1 
ATOM   27  N NE  . ARG A 1 4  ? 11.007  -9.699  0.892   1.00 64.59 ? 21  ARG A NE  1 
ATOM   28  C CZ  . ARG A 1 4  ? 12.072  -10.324 0.392   1.00 65.61 ? 21  ARG A CZ  1 
ATOM   29  N NH1 . ARG A 1 4  ? 13.300  -9.930  0.708   1.00 66.13 ? 21  ARG A NH1 1 
ATOM   30  N NH2 . ARG A 1 4  ? 11.904  -11.375 -0.394  1.00 66.66 ? 21  ARG A NH2 1 
ATOM   31  N N   . GLU A 1 5  ? 11.166  -5.028  -2.493  1.00 51.77 ? 22  GLU A N   1 
ATOM   32  C CA  . GLU A 1 5  ? 10.565  -4.575  -3.744  1.00 49.59 ? 22  GLU A CA  1 
ATOM   33  C C   . GLU A 1 5  ? 9.152   -5.139  -3.933  1.00 47.00 ? 22  GLU A C   1 
ATOM   34  O O   . GLU A 1 5  ? 8.977   -6.342  -4.130  1.00 46.23 ? 22  GLU A O   1 
ATOM   35  C CB  . GLU A 1 5  ? 11.469  -5.000  -4.911  1.00 52.77 ? 22  GLU A CB  1 
ATOM   36  C CG  . GLU A 1 5  ? 11.087  -4.435  -6.282  1.00 56.04 ? 22  GLU A CG  1 
ATOM   37  C CD  . GLU A 1 5  ? 10.378  -5.436  -7.188  1.00 57.17 ? 22  GLU A CD  1 
ATOM   38  O OE1 . GLU A 1 5  ? 10.308  -6.636  -6.840  1.00 58.30 ? 22  GLU A OE1 1 
ATOM   39  O OE2 . GLU A 1 5  ? 9.893   -5.014  -8.260  1.00 58.25 ? 22  GLU A OE2 1 
ATOM   40  N N   . VAL A 1 6  ? 8.140   -4.280  -3.834  1.00 42.93 ? 23  VAL A N   1 
ATOM   41  C CA  . VAL A 1 6  ? 6.756   -4.724  -4.028  1.00 39.03 ? 23  VAL A CA  1 
ATOM   42  C C   . VAL A 1 6  ? 6.165   -4.046  -5.260  1.00 37.00 ? 23  VAL A C   1 
ATOM   43  O O   . VAL A 1 6  ? 6.592   -2.955  -5.639  1.00 37.42 ? 23  VAL A O   1 
ATOM   44  C CB  . VAL A 1 6  ? 5.841   -4.392  -2.826  1.00 37.11 ? 23  VAL A CB  1 
ATOM   45  C CG1 . VAL A 1 6  ? 6.278   -5.150  -1.591  1.00 36.13 ? 23  VAL A CG1 1 
ATOM   46  C CG2 . VAL A 1 6  ? 5.805   -2.878  -2.588  1.00 37.53 ? 23  VAL A CG2 1 
ATOM   47  N N   . THR A 1 7  ? 5.174   -4.681  -5.867  1.00 33.17 ? 24  THR A N   1 
ATOM   48  C CA  . THR A 1 7  ? 4.519   -4.122  -7.047  1.00 30.08 ? 24  THR A CA  1 
ATOM   49  C C   . THR A 1 7  ? 3.014   -4.211  -6.796  1.00 26.46 ? 24  THR A C   1 
ATOM   50  O O   . THR A 1 7  ? 2.567   -4.908  -5.884  1.00 26.98 ? 24  THR A O   1 
ATOM   51  C CB  . THR A 1 7  ? 4.879   -4.922  -8.350  1.00 28.48 ? 24  THR A CB  1 
ATOM   52  O OG1 . THR A 1 7  ? 4.405   -6.268  -8.232  1.00 29.58 ? 24  THR A OG1 1 
ATOM   53  C CG2 . THR A 1 7  ? 6.390   -4.976  -8.571  1.00 27.82 ? 24  THR A CG2 1 
ATOM   54  N N   . MET A 1 8  ? 2.237   -3.480  -7.574  1.00 24.36 ? 25  MET A N   1 
ATOM   55  C CA  . MET A 1 8  ? 0.794   -3.538  -7.438  1.00 23.16 ? 25  MET A CA  1 
ATOM   56  C C   . MET A 1 8  ? 0.115   -3.246  -8.765  1.00 22.90 ? 25  MET A C   1 
ATOM   57  O O   . MET A 1 8  ? 0.674   -2.564  -9.643  1.00 20.85 ? 25  MET A O   1 
ATOM   58  C CB  . MET A 1 8  ? 0.286   -2.590  -6.337  1.00 22.49 ? 25  MET A CB  1 
ATOM   59  C CG  . MET A 1 8  ? 0.328   -1.116  -6.668  1.00 21.03 ? 25  MET A CG  1 
ATOM   60  S SD  . MET A 1 8  ? -0.052  -0.048  -5.236  1.00 20.64 ? 25  MET A SD  1 
ATOM   61  C CE  . MET A 1 8  ? 0.147   1.533   -6.053  1.00 17.70 ? 25  MET A CE  1 
ATOM   62  N N   . LYS A 1 9  ? -1.061  -3.837  -8.936  1.00 23.20 ? 26  LYS A N   1 
ATOM   63  C CA  . LYS A 1 9  ? -1.860  -3.637  -10.135 1.00 24.05 ? 26  LYS A CA  1 
ATOM   64  C C   . LYS A 1 9  ? -3.035  -2.749  -9.738  1.00 22.88 ? 26  LYS A C   1 
ATOM   65  O O   . LYS A 1 9  ? -3.459  -2.757  -8.575  1.00 21.58 ? 26  LYS A O   1 
ATOM   66  C CB  . LYS A 1 9  ? -2.332  -4.978  -10.702 1.00 24.93 ? 26  LYS A CB  1 
ATOM   67  C CG  . LYS A 1 9  ? -1.186  -5.832  -11.247 1.00 28.59 ? 26  LYS A CG  1 
ATOM   68  C CD  . LYS A 1 9  ? -0.419  -5.084  -12.364 1.00 33.91 ? 26  LYS A CD  1 
ATOM   69  C CE  . LYS A 1 9  ? 1.056   -4.790  -12.000 1.00 36.47 ? 26  LYS A CE  1 
ATOM   70  N NZ  . LYS A 1 9  ? 1.642   -3.616  -12.741 1.00 37.50 ? 26  LYS A NZ  1 
ATOM   71  N N   . LYS A 1 10 ? -3.520  -1.947  -10.681 1.00 22.31 ? 27  LYS A N   1 
ATOM   72  C CA  . LYS A 1 10 ? -4.633  -1.048  -10.412 1.00 21.69 ? 27  LYS A CA  1 
ATOM   73  C C   . LYS A 1 10 ? -5.783  -1.908  -9.925  1.00 22.53 ? 27  LYS A C   1 
ATOM   74  O O   . LYS A 1 10 ? -6.071  -2.947  -10.510 1.00 22.12 ? 27  LYS A O   1 
ATOM   75  C CB  . LYS A 1 10 ? -5.044  -0.308  -11.680 1.00 21.96 ? 27  LYS A CB  1 
ATOM   76  C CG  . LYS A 1 10 ? -6.231  0.616   -11.489 1.00 23.67 ? 27  LYS A CG  1 
ATOM   77  C CD  . LYS A 1 10 ? -6.502  1.381   -12.763 1.00 24.70 ? 27  LYS A CD  1 
ATOM   78  C CE  . LYS A 1 10 ? -7.758  2.194   -12.670 1.00 25.90 ? 27  LYS A CE  1 
ATOM   79  N NZ  . LYS A 1 10 ? -8.067  2.808   -13.989 1.00 27.74 ? 27  LYS A NZ  1 
ATOM   80  N N   . GLY A 1 11 ? -6.353  -1.548  -8.781  1.00 21.85 ? 28  GLY A N   1 
ATOM   81  C CA  . GLY A 1 11 ? -7.465  -2.310  -8.265  1.00 18.51 ? 28  GLY A CA  1 
ATOM   82  C C   . GLY A 1 11 ? -7.124  -3.161  -7.075  1.00 17.67 ? 28  GLY A C   1 
ATOM   83  O O   . GLY A 1 11 ? -8.026  -3.622  -6.401  1.00 18.96 ? 28  GLY A O   1 
ATOM   84  N N   . ASP A 1 12 ? -5.847  -3.397  -6.816  1.00 17.26 ? 29  ASP A N   1 
ATOM   85  C CA  . ASP A 1 12 ? -5.471  -4.204  -5.659  1.00 18.05 ? 29  ASP A CA  1 
ATOM   86  C C   . ASP A 1 12 ? -5.824  -3.461  -4.377  1.00 17.81 ? 29  ASP A C   1 
ATOM   87  O O   . ASP A 1 12 ? -5.806  -2.224  -4.341  1.00 17.91 ? 29  ASP A O   1 
ATOM   88  C CB  . ASP A 1 12 ? -3.969  -4.460  -5.639  1.00 21.00 ? 29  ASP A CB  1 
ATOM   89  C CG  . ASP A 1 12 ? -3.510  -5.397  -6.727  1.00 23.02 ? 29  ASP A CG  1 
ATOM   90  O OD1 . ASP A 1 12 ? -4.332  -5.891  -7.515  1.00 23.32 ? 29  ASP A OD1 1 
ATOM   91  O OD2 . ASP A 1 12 ? -2.290  -5.650  -6.785  1.00 26.65 ? 29  ASP A OD2 1 
ATOM   92  N N   . ILE A 1 13 ? -6.204  -4.211  -3.347  1.00 15.89 ? 30  ILE A N   1 
ATOM   93  C CA  . ILE A 1 13 ? -6.511  -3.638  -2.034  1.00 16.53 ? 30  ILE A CA  1 
ATOM   94  C C   . ILE A 1 13 ? -5.402  -4.166  -1.125  1.00 14.59 ? 30  ILE A C   1 
ATOM   95  O O   . ILE A 1 13 ? -5.220  -5.384  -0.983  1.00 12.81 ? 30  ILE A O   1 
ATOM   96  C CB  . ILE A 1 13 ? -7.966  -3.993  -1.551  1.00 16.56 ? 30  ILE A CB  1 
ATOM   97  C CG1 . ILE A 1 13 ? -8.968  -3.151  -2.370  1.00 16.54 ? 30  ILE A CG1 1 
ATOM   98  C CG2 . ILE A 1 13 ? -8.141  -3.672  -0.044  1.00 15.08 ? 30  ILE A CG2 1 
ATOM   99  C CD1 . ILE A 1 13 ? -10.399 -3.487  -2.162  1.00 16.66 ? 30  ILE A CD1 1 
ATOM   100 N N   . LEU A 1 14 ? -4.589  -3.241  -0.617  1.00 14.16 ? 31  LEU A N   1 
ATOM   101 C CA  . LEU A 1 14 ? -3.439  -3.586  0.217   1.00 14.80 ? 31  LEU A CA  1 
ATOM   102 C C   . LEU A 1 14 ? -3.610  -3.189  1.664   1.00 14.00 ? 31  LEU A C   1 
ATOM   103 O O   . LEU A 1 14 ? -4.276  -2.212  1.975   1.00 12.82 ? 31  LEU A O   1 
ATOM   104 C CB  . LEU A 1 14 ? -2.165  -2.904  -0.320  1.00 15.68 ? 31  LEU A CB  1 
ATOM   105 C CG  . LEU A 1 14 ? -1.830  -2.962  -1.817  1.00 16.57 ? 31  LEU A CG  1 
ATOM   106 C CD1 . LEU A 1 14 ? -0.577  -2.159  -2.114  1.00 18.68 ? 31  LEU A CD1 1 
ATOM   107 C CD2 . LEU A 1 14 ? -1.627  -4.390  -2.260  1.00 17.62 ? 31  LEU A CD2 1 
ATOM   108 N N   . THR A 1 15 ? -3.009  -3.970  2.554   1.00 15.38 ? 32  THR A N   1 
ATOM   109 C CA  . THR A 1 15 ? -3.061  -3.649  3.969   1.00 17.27 ? 32  THR A CA  1 
ATOM   110 C C   . THR A 1 15 ? -1.988  -2.587  4.221   1.00 17.78 ? 32  THR A C   1 
ATOM   111 O O   . THR A 1 15 ? -0.811  -2.775  3.866   1.00 18.23 ? 32  THR A O   1 
ATOM   112 C CB  . THR A 1 15 ? -2.765  -4.877  4.837   1.00 18.17 ? 32  THR A CB  1 
ATOM   113 O OG1 . THR A 1 15 ? -3.684  -5.920  4.503   1.00 18.65 ? 32  THR A OG1 1 
ATOM   114 C CG2 . THR A 1 15 ? -2.910  -4.542  6.316   1.00 17.33 ? 32  THR A CG2 1 
ATOM   115 N N   . LEU A 1 16 ? -2.432  -1.449  4.740   1.00 17.58 ? 33  LEU A N   1 
ATOM   116 C CA  . LEU A 1 16 ? -1.583  -0.300  5.054   1.00 16.87 ? 33  LEU A CA  1 
ATOM   117 C C   . LEU A 1 16 ? -0.887  -0.488  6.395   1.00 17.59 ? 33  LEU A C   1 
ATOM   118 O O   . LEU A 1 16 ? -1.540  -0.633  7.430   1.00 18.64 ? 33  LEU A O   1 
ATOM   119 C CB  . LEU A 1 16 ? -2.445  0.960   5.103   1.00 15.54 ? 33  LEU A CB  1 
ATOM   120 C CG  . LEU A 1 16 ? -1.809  2.285   5.480   1.00 14.54 ? 33  LEU A CG  1 
ATOM   121 C CD1 . LEU A 1 16 ? -0.671  2.612   4.516   1.00 15.55 ? 33  LEU A CD1 1 
ATOM   122 C CD2 . LEU A 1 16 ? -2.880  3.345   5.443   1.00 13.25 ? 33  LEU A CD2 1 
ATOM   123 N N   . LEU A 1 17 ? 0.440   -0.446  6.377   1.00 16.90 ? 34  LEU A N   1 
ATOM   124 C CA  . LEU A 1 17 ? 1.216   -0.602  7.593   1.00 15.99 ? 34  LEU A CA  1 
ATOM   125 C C   . LEU A 1 17 ? 1.676   0.727   8.206   1.00 16.08 ? 34  LEU A C   1 
ATOM   126 O O   . LEU A 1 17 ? 1.641   0.903   9.427   1.00 16.78 ? 34  LEU A O   1 
ATOM   127 C CB  . LEU A 1 17 ? 2.434   -1.474  7.318   1.00 15.14 ? 34  LEU A CB  1 
ATOM   128 C CG  . LEU A 1 17 ? 2.120   -2.860  6.799   1.00 15.53 ? 34  LEU A CG  1 
ATOM   129 C CD1 . LEU A 1 17 ? 3.420   -3.530  6.511   1.00 16.44 ? 34  LEU A CD1 1 
ATOM   130 C CD2 . LEU A 1 17 ? 1.331   -3.638  7.824   1.00 16.02 ? 34  LEU A CD2 1 
ATOM   131 N N   . ASN A 1 18 ? 2.110   1.659   7.375   1.00 15.02 ? 35  ASN A N   1 
ATOM   132 C CA  . ASN A 1 18 ? 2.602   2.928   7.896   1.00 14.08 ? 35  ASN A CA  1 
ATOM   133 C C   . ASN A 1 18 ? 2.387   4.052   6.893   1.00 12.49 ? 35  ASN A C   1 
ATOM   134 O O   . ASN A 1 18 ? 2.913   4.011   5.777   1.00 12.70 ? 35  ASN A O   1 
ATOM   135 C CB  . ASN A 1 18 ? 4.097   2.780   8.189   1.00 14.67 ? 35  ASN A CB  1 
ATOM   136 C CG  . ASN A 1 18 ? 4.678   3.976   8.891   1.00 14.67 ? 35  ASN A CG  1 
ATOM   137 O OD1 . ASN A 1 18 ? 4.379   5.107   8.546   1.00 16.70 ? 35  ASN A OD1 1 
ATOM   138 N ND2 . ASN A 1 18 ? 5.531   3.736   9.873   1.00 16.27 ? 35  ASN A ND2 1 
ATOM   139 N N   . SER A 1 19 ? 1.603   5.044   7.288   1.00 11.35 ? 36  SER A N   1 
ATOM   140 C CA  . SER A 1 19 ? 1.344   6.183   6.422   1.00 14.63 ? 36  SER A CA  1 
ATOM   141 C C   . SER A 1 19 ? 1.786   7.477   7.063   1.00 14.08 ? 36  SER A C   1 
ATOM   142 O O   . SER A 1 19 ? 1.172   8.504   6.843   1.00 16.40 ? 36  SER A O   1 
ATOM   143 C CB  . SER A 1 19 ? -0.142  6.280   6.077   1.00 15.25 ? 36  SER A CB  1 
ATOM   144 O OG  . SER A 1 19 ? -0.924  6.347   7.252   1.00 17.42 ? 36  SER A OG  1 
ATOM   145 N N   . THR A 1 20 ? 2.820   7.422   7.893   1.00 14.60 ? 37  THR A N   1 
ATOM   146 C CA  . THR A 1 20 ? 3.322   8.621   8.556   1.00 14.96 ? 37  THR A CA  1 
ATOM   147 C C   . THR A 1 20 ? 4.007   9.563   7.549   1.00 15.69 ? 37  THR A C   1 
ATOM   148 O O   . THR A 1 20 ? 4.049   10.772  7.750   1.00 16.36 ? 37  THR A O   1 
ATOM   149 C CB  . THR A 1 20 ? 4.314   8.282   9.734   1.00 15.46 ? 37  THR A CB  1 
ATOM   150 O OG1 . THR A 1 20 ? 5.439   7.528   9.245   1.00 15.43 ? 37  THR A OG1 1 
ATOM   151 C CG2 . THR A 1 20 ? 3.610   7.501   10.840  1.00 14.36 ? 37  THR A CG2 1 
ATOM   152 N N   . ASN A 1 21 ? 4.527   9.010   6.459   1.00 15.21 ? 38  ASN A N   1 
ATOM   153 C CA  . ASN A 1 21 ? 5.190   9.828   5.457   1.00 16.41 ? 38  ASN A CA  1 
ATOM   154 C C   . ASN A 1 21 ? 4.152   10.270  4.420   1.00 19.39 ? 38  ASN A C   1 
ATOM   155 O O   . ASN A 1 21 ? 3.335   9.460   3.961   1.00 19.26 ? 38  ASN A O   1 
ATOM   156 C CB  . ASN A 1 21 ? 6.317   9.039   4.791   1.00 14.41 ? 38  ASN A CB  1 
ATOM   157 C CG  . ASN A 1 21 ? 7.178   9.904   3.904   1.00 13.76 ? 38  ASN A CG  1 
ATOM   158 O OD1 . ASN A 1 21 ? 6.872   10.093  2.732   1.00 15.83 ? 38  ASN A OD1 1 
ATOM   159 N ND2 . ASN A 1 21 ? 8.249   10.461  4.462   1.00 11.50 ? 38  ASN A ND2 1 
ATOM   160 N N   . LYS A 1 22 ? 4.176   11.546  4.043   1.00 20.40 ? 39  LYS A N   1 
ATOM   161 C CA  . LYS A 1 22 ? 3.202   12.047  3.081   1.00 21.98 ? 39  LYS A CA  1 
ATOM   162 C C   . LYS A 1 22 ? 3.368   11.579  1.636   1.00 21.54 ? 39  LYS A C   1 
ATOM   163 O O   . LYS A 1 22 ? 2.427   11.651  0.844   1.00 22.83 ? 39  LYS A O   1 
ATOM   164 C CB  . LYS A 1 22 ? 3.124   13.575  3.122   1.00 24.67 ? 39  LYS A CB  1 
ATOM   165 C CG  . LYS A 1 22 ? 4.315   14.313  2.576   1.00 26.04 ? 39  LYS A CG  1 
ATOM   166 C CD  . LYS A 1 22 ? 4.008   15.801  2.594   1.00 28.70 ? 39  LYS A CD  1 
ATOM   167 C CE  . LYS A 1 22 ? 5.232   16.621  2.264   1.00 32.59 ? 39  LYS A CE  1 
ATOM   168 N NZ  . LYS A 1 22 ? 5.777   16.313  0.904   1.00 35.34 ? 39  LYS A NZ  1 
ATOM   169 N N   . ASP A 1 23 ? 4.547   11.080  1.290   1.00 19.54 ? 40  ASP A N   1 
ATOM   170 C CA  . ASP A 1 23 ? 4.791   10.638  -0.068  1.00 19.32 ? 40  ASP A CA  1 
ATOM   171 C C   . ASP A 1 23 ? 4.942   9.136   -0.283  1.00 17.02 ? 40  ASP A C   1 
ATOM   172 O O   . ASP A 1 23 ? 4.635   8.632   -1.364  1.00 15.52 ? 40  ASP A O   1 
ATOM   173 C CB  . ASP A 1 23 ? 6.026   11.357  -0.616  1.00 23.06 ? 40  ASP A CB  1 
ATOM   174 C CG  . ASP A 1 23 ? 5.822   12.852  -0.732  1.00 25.55 ? 40  ASP A CG  1 
ATOM   175 O OD1 . ASP A 1 23 ? 4.770   13.268  -1.267  1.00 27.39 ? 40  ASP A OD1 1 
ATOM   176 O OD2 . ASP A 1 23 ? 6.692   13.618  -0.273  1.00 26.71 ? 40  ASP A OD2 1 
ATOM   177 N N   . TRP A 1 24 ? 5.409   8.419   0.732   1.00 17.04 ? 41  TRP A N   1 
ATOM   178 C CA  . TRP A 1 24 ? 5.634   6.977   0.613   1.00 17.41 ? 41  TRP A CA  1 
ATOM   179 C C   . TRP A 1 24 ? 5.032   6.234   1.786   1.00 16.14 ? 41  TRP A C   1 
ATOM   180 O O   . TRP A 1 24 ? 5.349   6.523   2.935   1.00 16.01 ? 41  TRP A O   1 
ATOM   181 C CB  . TRP A 1 24 ? 7.139   6.677   0.517   1.00 17.80 ? 41  TRP A CB  1 
ATOM   182 C CG  . TRP A 1 24 ? 7.736   7.214   -0.750  1.00 19.32 ? 41  TRP A CG  1 
ATOM   183 C CD1 . TRP A 1 24 ? 8.293   8.451   -0.934  1.00 18.96 ? 41  TRP A CD1 1 
ATOM   184 C CD2 . TRP A 1 24 ? 7.720   6.589   -2.032  1.00 19.46 ? 41  TRP A CD2 1 
ATOM   185 N NE1 . TRP A 1 24 ? 8.605   8.630   -2.258  1.00 20.05 ? 41  TRP A NE1 1 
ATOM   186 C CE2 . TRP A 1 24 ? 8.268   7.498   -2.953  1.00 20.30 ? 41  TRP A CE2 1 
ATOM   187 C CE3 . TRP A 1 24 ? 7.289   5.344   -2.498  1.00 21.02 ? 41  TRP A CE3 1 
ATOM   188 C CZ2 . TRP A 1 24 ? 8.389   7.206   -4.308  1.00 21.51 ? 41  TRP A CZ2 1 
ATOM   189 C CZ3 . TRP A 1 24 ? 7.409   5.057   -3.849  1.00 21.61 ? 41  TRP A CZ3 1 
ATOM   190 C CH2 . TRP A 1 24 ? 7.955   5.981   -4.733  1.00 21.37 ? 41  TRP A CH2 1 
ATOM   191 N N   . TRP A 1 25 ? 4.166   5.275   1.469   1.00 15.70 ? 42  TRP A N   1 
ATOM   192 C CA  . TRP A 1 25 ? 3.474   4.485   2.463   1.00 14.24 ? 42  TRP A CA  1 
ATOM   193 C C   . TRP A 1 25 ? 3.917   3.029   2.442   1.00 13.78 ? 42  TRP A C   1 
ATOM   194 O O   . TRP A 1 25 ? 4.131   2.462   1.377   1.00 14.35 ? 42  TRP A O   1 
ATOM   195 C CB  . TRP A 1 25 ? 1.969   4.576   2.223   1.00 13.84 ? 42  TRP A CB  1 
ATOM   196 C CG  . TRP A 1 25 ? 1.375   5.927   2.524   1.00 14.75 ? 42  TRP A CG  1 
ATOM   197 C CD1 . TRP A 1 25 ? 2.005   7.002   3.090   1.00 14.93 ? 42  TRP A CD1 1 
ATOM   198 C CD2 . TRP A 1 25 ? 0.022   6.341   2.287   1.00 15.30 ? 42  TRP A CD2 1 
ATOM   199 N NE1 . TRP A 1 25 ? 1.129   8.057   3.219   1.00 14.87 ? 42  TRP A NE1 1 
ATOM   200 C CE2 . TRP A 1 25 ? -0.099  7.674   2.730   1.00 15.69 ? 42  TRP A CE2 1 
ATOM   201 C CE3 . TRP A 1 25 ? -1.107  5.713   1.737   1.00 16.47 ? 42  TRP A CE3 1 
ATOM   202 C CZ2 . TRP A 1 25 ? -1.292  8.389   2.640   1.00 17.88 ? 42  TRP A CZ2 1 
ATOM   203 C CZ3 . TRP A 1 25 ? -2.293  6.426   1.639   1.00 15.61 ? 42  TRP A CZ3 1 
ATOM   204 C CH2 . TRP A 1 25 ? -2.377  7.742   2.088   1.00 17.65 ? 42  TRP A CH2 1 
ATOM   205 N N   . LYS A 1 26 ? 4.110   2.457   3.626   1.00 14.31 ? 43  LYS A N   1 
ATOM   206 C CA  . LYS A 1 26 ? 4.515   1.065   3.770   1.00 14.70 ? 43  LYS A CA  1 
ATOM   207 C C   . LYS A 1 26 ? 3.253   0.209   3.763   1.00 15.65 ? 43  LYS A C   1 
ATOM   208 O O   . LYS A 1 26 ? 2.272   0.495   4.453   1.00 15.74 ? 43  LYS A O   1 
ATOM   209 C CB  . LYS A 1 26 ? 5.305   0.832   5.066   1.00 14.32 ? 43  LYS A CB  1 
ATOM   210 C CG  . LYS A 1 26 ? 6.180   -0.416  4.993   1.00 15.87 ? 43  LYS A CG  1 
ATOM   211 C CD  . LYS A 1 26 ? 6.831   -0.744  6.309   1.00 18.04 ? 43  LYS A CD  1 
ATOM   212 C CE  . LYS A 1 26 ? 7.810   -1.908  6.156   1.00 20.82 ? 43  LYS A CE  1 
ATOM   213 N NZ  . LYS A 1 26 ? 8.394   -2.383  7.461   1.00 22.76 ? 43  LYS A NZ  1 
ATOM   214 N N   . VAL A 1 27 ? 3.284   -0.833  2.947   1.00 17.43 ? 44  VAL A N   1 
ATOM   215 C CA  . VAL A 1 27 ? 2.162   -1.726  2.783   1.00 19.32 ? 44  VAL A CA  1 
ATOM   216 C C   . VAL A 1 27 ? 2.629   -3.172  2.726   1.00 22.07 ? 44  VAL A C   1 
ATOM   217 O O   . VAL A 1 27 ? 3.818   -3.466  2.532   1.00 19.24 ? 44  VAL A O   1 
ATOM   218 C CB  . VAL A 1 27 ? 1.397   -1.414  1.450   1.00 18.82 ? 44  VAL A CB  1 
ATOM   219 C CG1 . VAL A 1 27 ? 0.749   -0.006  1.492   1.00 18.06 ? 44  VAL A CG1 1 
ATOM   220 C CG2 . VAL A 1 27 ? 2.349   -1.529  0.235   1.00 17.30 ? 44  VAL A CG2 1 
ATOM   221 N N   . GLU A 1 28 ? 1.667   -4.067  2.906   1.00 26.30 ? 45  GLU A N   1 
ATOM   222 C CA  . GLU A 1 28 ? 1.909   -5.496  2.842   1.00 32.54 ? 45  GLU A CA  1 
ATOM   223 C C   . GLU A 1 28 ? 1.357   -6.024  1.514   1.00 33.97 ? 45  GLU A C   1 
ATOM   224 O O   . GLU A 1 28 ? 0.164   -5.919  1.250   1.00 33.00 ? 45  GLU A O   1 
ATOM   225 C CB  . GLU A 1 28 ? 1.262   -6.192  4.039   1.00 34.30 ? 45  GLU A CB  1 
ATOM   226 C CG  . GLU A 1 28 ? 1.228   -7.689  3.928   1.00 39.45 ? 45  GLU A CG  1 
ATOM   227 C CD  . GLU A 1 28 ? 1.054   -8.373  5.269   1.00 42.09 ? 45  GLU A CD  1 
ATOM   228 O OE1 . GLU A 1 28 ? 0.212   -7.922  6.094   1.00 42.62 ? 45  GLU A OE1 1 
ATOM   229 O OE2 . GLU A 1 28 ? 1.775   -9.371  5.483   1.00 44.02 ? 45  GLU A OE2 1 
ATOM   230 N N   . VAL A 1 29 ? 2.244   -6.462  0.627   1.00 37.92 ? 46  VAL A N   1 
ATOM   231 C CA  . VAL A 1 29 ? 1.827   -7.000  -0.661  1.00 43.38 ? 46  VAL A CA  1 
ATOM   232 C C   . VAL A 1 29 ? 2.171   -8.484  -0.637  1.00 46.95 ? 46  VAL A C   1 
ATOM   233 O O   . VAL A 1 29 ? 3.355   -8.860  -0.650  1.00 47.25 ? 46  VAL A O   1 
ATOM   234 C CB  . VAL A 1 29 ? 2.561   -6.317  -1.835  1.00 43.65 ? 46  VAL A CB  1 
ATOM   235 C CG1 . VAL A 1 29 ? 2.222   -7.021  -3.143  1.00 44.36 ? 46  VAL A CG1 1 
ATOM   236 C CG2 . VAL A 1 29 ? 2.168   -4.848  -1.924  1.00 43.84 ? 46  VAL A CG2 1 
ATOM   237 N N   . ASN A 1 30 ? 1.134   -9.320  -0.638  1.00 51.45 ? 47  ASN A N   1 
ATOM   238 C CA  . ASN A 1 30 ? 1.294   -10.776 -0.563  1.00 54.67 ? 47  ASN A CA  1 
ATOM   239 C C   . ASN A 1 30 ? 1.856   -11.021 0.841   1.00 55.65 ? 47  ASN A C   1 
ATOM   240 O O   . ASN A 1 30 ? 1.252   -10.584 1.835   1.00 56.20 ? 47  ASN A O   1 
ATOM   241 C CB  . ASN A 1 30 ? 2.254   -11.310 -1.650  1.00 56.05 ? 47  ASN A CB  1 
ATOM   242 C CG  . ASN A 1 30 ? 1.784   -10.986 -3.078  1.00 56.98 ? 47  ASN A CG  1 
ATOM   243 O OD1 . ASN A 1 30 ? 0.592   -11.012 -3.375  1.00 56.64 ? 47  ASN A OD1 1 
ATOM   244 N ND2 . ASN A 1 30 ? 2.734   -10.687 -3.962  1.00 57.28 ? 47  ASN A ND2 1 
ATOM   245 N N   . ASP A 1 31 ? 3.024   -11.653 0.932   1.00 55.81 ? 48  ASP A N   1 
ATOM   246 C CA  . ASP A 1 31 ? 3.644   -11.914 2.235   1.00 56.33 ? 48  ASP A CA  1 
ATOM   247 C C   . ASP A 1 31 ? 4.988   -11.179 2.240   1.00 54.03 ? 48  ASP A C   1 
ATOM   248 O O   . ASP A 1 31 ? 5.998   -11.684 2.735   1.00 54.40 ? 48  ASP A O   1 
ATOM   249 C CB  . ASP A 1 31 ? 3.850   -13.426 2.447   1.00 58.96 ? 48  ASP A CB  1 
ATOM   250 C CG  . ASP A 1 31 ? 2.531   -14.199 2.660   1.00 61.23 ? 48  ASP A CG  1 
ATOM   251 O OD1 . ASP A 1 31 ? 1.433   -13.676 2.352   1.00 61.90 ? 48  ASP A OD1 1 
ATOM   252 O OD2 . ASP A 1 31 ? 2.595   -15.353 3.140   1.00 61.96 ? 48  ASP A OD2 1 
ATOM   253 N N   . ARG A 1 32 ? 4.968   -9.957  1.715   1.00 50.88 ? 49  ARG A N   1 
ATOM   254 C CA  . ARG A 1 32 ? 6.153   -9.109  1.581   1.00 46.08 ? 49  ARG A CA  1 
ATOM   255 C C   . ARG A 1 32 ? 5.764   -7.670  1.977   1.00 41.42 ? 49  ARG A C   1 
ATOM   256 O O   . ARG A 1 32 ? 4.603   -7.282  1.841   1.00 40.80 ? 49  ARG A O   1 
ATOM   257 C CB  . ARG A 1 32 ? 6.587   -9.164  0.113   1.00 48.92 ? 49  ARG A CB  1 
ATOM   258 C CG  . ARG A 1 32 ? 7.912   -8.531  -0.233  1.00 52.44 ? 49  ARG A CG  1 
ATOM   259 C CD  . ARG A 1 32 ? 8.200   -8.671  -1.734  1.00 54.96 ? 49  ARG A CD  1 
ATOM   260 N NE  . ARG A 1 32 ? 9.638   -8.762  -1.988  1.00 59.21 ? 49  ARG A NE  1 
ATOM   261 C CZ  . ARG A 1 32 ? 10.197  -8.932  -3.187  1.00 60.40 ? 49  ARG A CZ  1 
ATOM   262 N NH1 . ARG A 1 32 ? 9.447   -9.035  -4.283  1.00 61.14 ? 49  ARG A NH1 1 
ATOM   263 N NH2 . ARG A 1 32 ? 11.519  -8.993  -3.287  1.00 60.92 ? 49  ARG A NH2 1 
ATOM   264 N N   . GLN A 1 33 ? 6.713   -6.890  2.492   1.00 35.77 ? 50  GLN A N   1 
ATOM   265 C CA  . GLN A 1 33 ? 6.433   -5.509  2.889   1.00 30.28 ? 50  GLN A CA  1 
ATOM   266 C C   . GLN A 1 33 ? 7.286   -4.510  2.129   1.00 27.10 ? 50  GLN A C   1 
ATOM   267 O O   . GLN A 1 33 ? 8.496   -4.676  2.010   1.00 26.72 ? 50  GLN A O   1 
ATOM   268 C CB  . GLN A 1 33 ? 6.631   -5.320  4.390   1.00 30.20 ? 50  GLN A CB  1 
ATOM   269 C CG  . GLN A 1 33 ? 5.725   -6.195  5.212   1.00 32.04 ? 50  GLN A CG  1 
ATOM   270 C CD  . GLN A 1 33 ? 5.756   -5.866  6.698   1.00 33.17 ? 50  GLN A CD  1 
ATOM   271 O OE1 . GLN A 1 33 ? 6.662   -5.194  7.183   1.00 35.20 ? 50  GLN A OE1 1 
ATOM   272 N NE2 . GLN A 1 33 ? 4.771   -6.369  7.427   1.00 34.11 ? 50  GLN A NE2 1 
ATOM   273 N N   . GLY A 1 34 ? 6.657   -3.450  1.638   1.00 24.89 ? 51  GLY A N   1 
ATOM   274 C CA  . GLY A 1 34 ? 7.392   -2.448  0.897   1.00 21.58 ? 51  GLY A CA  1 
ATOM   275 C C   . GLY A 1 34 ? 6.727   -1.088  0.853   1.00 19.95 ? 51  GLY A C   1 
ATOM   276 O O   . GLY A 1 34 ? 5.705   -0.859  1.488   1.00 18.47 ? 51  GLY A O   1 
ATOM   277 N N   . PHE A 1 35 ? 7.305   -0.190  0.068   1.00 19.05 ? 52  PHE A N   1 
ATOM   278 C CA  . PHE A 1 35 ? 6.798   1.162   -0.075  1.00 18.76 ? 52  PHE A CA  1 
ATOM   279 C C   . PHE A 1 35 ? 6.183   1.399   -1.442  1.00 17.69 ? 52  PHE A C   1 
ATOM   280 O O   . PHE A 1 35 ? 6.706   0.951   -2.464  1.00 18.19 ? 52  PHE A O   1 
ATOM   281 C CB  . PHE A 1 35 ? 7.925   2.197   0.165   1.00 19.73 ? 52  PHE A CB  1 
ATOM   282 C CG  . PHE A 1 35 ? 8.393   2.244   1.576   1.00 19.83 ? 52  PHE A CG  1 
ATOM   283 C CD1 . PHE A 1 35 ? 7.742   3.039   2.500   1.00 18.91 ? 52  PHE A CD1 1 
ATOM   284 C CD2 . PHE A 1 35 ? 9.400   1.383   2.017   1.00 20.96 ? 52  PHE A CD2 1 
ATOM   285 C CE1 . PHE A 1 35 ? 8.070   2.985   3.853   1.00 18.56 ? 52  PHE A CE1 1 
ATOM   286 C CE2 . PHE A 1 35 ? 9.739   1.317   3.364   1.00 20.77 ? 52  PHE A CE2 1 
ATOM   287 C CZ  . PHE A 1 35 ? 9.058   2.120   4.290   1.00 19.66 ? 52  PHE A CZ  1 
ATOM   288 N N   . VAL A 1 36 ? 5.073   2.127   -1.442  1.00 16.67 ? 53  VAL A N   1 
ATOM   289 C CA  . VAL A 1 36 ? 4.391   2.487   -2.672  1.00 16.29 ? 53  VAL A CA  1 
ATOM   290 C C   . VAL A 1 36 ? 4.095   3.969   -2.558  1.00 15.61 ? 53  VAL A C   1 
ATOM   291 O O   . VAL A 1 36 ? 4.113   4.527   -1.455  1.00 12.14 ? 53  VAL A O   1 
ATOM   292 C CB  . VAL A 1 36 ? 3.060   1.668   -2.916  1.00 16.39 ? 53  VAL A CB  1 
ATOM   293 C CG1 . VAL A 1 36 ? 3.389   0.165   -3.178  1.00 16.85 ? 53  VAL A CG1 1 
ATOM   294 C CG2 . VAL A 1 36 ? 2.094   1.821   -1.738  1.00 15.13 ? 53  VAL A CG2 1 
ATOM   295 N N   . PRO A 1 37 ? 3.903   4.650   -3.706  1.00 15.83 ? 54  PRO A N   1 
ATOM   296 C CA  . PRO A 1 37 ? 3.612   6.083   -3.654  1.00 15.46 ? 54  PRO A CA  1 
ATOM   297 C C   . PRO A 1 37 ? 2.232   6.343   -3.034  1.00 15.79 ? 54  PRO A C   1 
ATOM   298 O O   . PRO A 1 37 ? 1.252   5.678   -3.368  1.00 16.11 ? 54  PRO A O   1 
ATOM   299 C CB  . PRO A 1 37 ? 3.659   6.498   -5.129  1.00 15.70 ? 54  PRO A CB  1 
ATOM   300 C CG  . PRO A 1 37 ? 4.511   5.432   -5.771  1.00 15.69 ? 54  PRO A CG  1 
ATOM   301 C CD  . PRO A 1 37 ? 4.046   4.187   -5.095  1.00 15.48 ? 54  PRO A CD  1 
ATOM   302 N N   . ALA A 1 38 ? 2.170   7.281   -2.099  1.00 15.86 ? 55  ALA A N   1 
ATOM   303 C CA  . ALA A 1 38 ? 0.914   7.642   -1.447  1.00 15.25 ? 55  ALA A CA  1 
ATOM   304 C C   . ALA A 1 38 ? -0.080  8.182   -2.472  1.00 14.71 ? 55  ALA A C   1 
ATOM   305 O O   . ALA A 1 38 ? -1.283  8.059   -2.296  1.00 14.69 ? 55  ALA A O   1 
ATOM   306 C CB  . ALA A 1 38 ? 1.170   8.691   -0.384  1.00 14.39 ? 55  ALA A CB  1 
ATOM   307 N N   . ALA A 1 39 ? 0.420   8.805   -3.536  1.00 14.58 ? 56  ALA A N   1 
ATOM   308 C CA  . ALA A 1 39 ? -0.457  9.361   -4.575  1.00 14.49 ? 56  ALA A CA  1 
ATOM   309 C C   . ALA A 1 39 ? -1.116  8.289   -5.446  1.00 14.34 ? 56  ALA A C   1 
ATOM   310 O O   . ALA A 1 39 ? -2.079  8.561   -6.164  1.00 14.10 ? 56  ALA A O   1 
ATOM   311 C CB  . ALA A 1 39 ? 0.305   10.343  -5.449  1.00 13.86 ? 56  ALA A CB  1 
ATOM   312 N N   . TYR A 1 40 ? -0.577  7.085   -5.409  1.00 13.60 ? 57  TYR A N   1 
ATOM   313 C CA  . TYR A 1 40 ? -1.115  5.996   -6.200  1.00 15.80 ? 57  TYR A CA  1 
ATOM   314 C C   . TYR A 1 40 ? -2.175  5.174   -5.465  1.00 16.94 ? 57  TYR A C   1 
ATOM   315 O O   . TYR A 1 40 ? -2.726  4.233   -6.038  1.00 16.42 ? 57  TYR A O   1 
ATOM   316 C CB  . TYR A 1 40 ? 0.007   5.041   -6.608  1.00 17.02 ? 57  TYR A CB  1 
ATOM   317 C CG  . TYR A 1 40 ? 0.929   5.515   -7.716  1.00 19.70 ? 57  TYR A CG  1 
ATOM   318 C CD1 . TYR A 1 40 ? 1.268   6.867   -7.863  1.00 19.80 ? 57  TYR A CD1 1 
ATOM   319 C CD2 . TYR A 1 40 ? 1.496   4.590   -8.599  1.00 20.00 ? 57  TYR A CD2 1 
ATOM   320 C CE1 . TYR A 1 40 ? 2.168   7.284   -8.861  1.00 22.15 ? 57  TYR A CE1 1 
ATOM   321 C CE2 . TYR A 1 40 ? 2.388   4.992   -9.598  1.00 23.38 ? 57  TYR A CE2 1 
ATOM   322 C CZ  . TYR A 1 40 ? 2.719   6.334   -9.729  1.00 22.87 ? 57  TYR A CZ  1 
ATOM   323 O OH  . TYR A 1 40 ? 3.594   6.716   -10.720 1.00 25.52 ? 57  TYR A OH  1 
ATOM   324 N N   . VAL A 1 41 ? -2.453  5.494   -4.204  1.00 16.06 ? 58  VAL A N   1 
ATOM   325 C CA  . VAL A 1 41 ? -3.426  4.715   -3.428  1.00 15.54 ? 58  VAL A CA  1 
ATOM   326 C C   . VAL A 1 41 ? -4.356  5.598   -2.623  1.00 15.93 ? 58  VAL A C   1 
ATOM   327 O O   . VAL A 1 41 ? -4.035  6.745   -2.341  1.00 16.94 ? 58  VAL A O   1 
ATOM   328 C CB  . VAL A 1 41 ? -2.745  3.745   -2.418  1.00 15.08 ? 58  VAL A CB  1 
ATOM   329 C CG1 . VAL A 1 41 ? -1.860  2.754   -3.123  1.00 13.94 ? 58  VAL A CG1 1 
ATOM   330 C CG2 . VAL A 1 41 ? -1.929  4.525   -1.404  1.00 17.18 ? 58  VAL A CG2 1 
ATOM   331 N N   . LYS A 1 42 ? -5.501  5.049   -2.246  1.00 15.54 ? 59  LYS A N   1 
ATOM   332 C CA  . LYS A 1 42 ? -6.479  5.783   -1.447  1.00 15.96 ? 59  LYS A CA  1 
ATOM   333 C C   . LYS A 1 42 ? -6.905  4.970   -0.211  1.00 16.99 ? 59  LYS A C   1 
ATOM   334 O O   . LYS A 1 42 ? -7.282  3.790   -0.321  1.00 17.52 ? 59  LYS A O   1 
ATOM   335 C CB  . LYS A 1 42 ? -7.714  6.117   -2.294  1.00 16.46 ? 59  LYS A CB  1 
ATOM   336 C CG  . LYS A 1 42 ? -8.855  6.775   -1.517  1.00 16.02 ? 59  LYS A CG  1 
ATOM   337 C CD  . LYS A 1 42 ? -8.541  8.213   -1.183  1.00 16.51 ? 59  LYS A CD  1 
ATOM   338 C CE  . LYS A 1 42 ? -9.647  8.835   -0.338  1.00 16.64 ? 59  LYS A CE  1 
ATOM   339 N NZ  . LYS A 1 42 ? -9.424  10.317  -0.138  1.00 15.47 ? 59  LYS A NZ  1 
ATOM   340 N N   . LYS A 1 43 ? -6.830  5.597   0.967   1.00 17.95 ? 60  LYS A N   1 
ATOM   341 C CA  . LYS A 1 43 ? -7.252  4.947   2.209   1.00 19.61 ? 60  LYS A CA  1 
ATOM   342 C C   . LYS A 1 43 ? -8.749  4.678   2.119   1.00 20.37 ? 60  LYS A C   1 
ATOM   343 O O   . LYS A 1 43 ? -9.544  5.566   1.786   1.00 21.27 ? 60  LYS A O   1 
ATOM   344 C CB  . LYS A 1 43 ? -6.972  5.835   3.417   1.00 19.83 ? 60  LYS A CB  1 
ATOM   345 C CG  . LYS A 1 43 ? -5.545  5.862   3.851   1.00 21.18 ? 60  LYS A CG  1 
ATOM   346 C CD  . LYS A 1 43 ? -5.405  6.800   5.046   1.00 23.55 ? 60  LYS A CD  1 
ATOM   347 C CE  . LYS A 1 43 ? -3.953  6.944   5.472   1.00 24.95 ? 60  LYS A CE  1 
ATOM   348 N NZ  . LYS A 1 43 ? -3.820  7.808   6.680   1.00 27.06 ? 60  LYS A NZ  1 
ATOM   349 N N   . LEU A 1 44 ? -9.128  3.441   2.418   1.00 21.11 ? 61  LEU A N   1 
ATOM   350 C CA  . LEU A 1 44 ? -10.506 3.036   2.326   1.00 22.63 ? 61  LEU A CA  1 
ATOM   351 C C   . LEU A 1 44 ? -11.229 3.146   3.647   1.00 27.15 ? 61  LEU A C   1 
ATOM   352 O O   . LEU A 1 44 ? -10.624 3.041   4.692   1.00 28.33 ? 61  LEU A O   1 
ATOM   353 C CB  . LEU A 1 44 ? -10.584 1.587   1.812   1.00 19.59 ? 61  LEU A CB  1 
ATOM   354 C CG  . LEU A 1 44 ? -9.990  1.337   0.419   1.00 17.69 ? 61  LEU A CG  1 
ATOM   355 C CD1 . LEU A 1 44 ? -9.931  -0.132  0.139   1.00 17.14 ? 61  LEU A CD1 1 
ATOM   356 C CD2 . LEU A 1 44 ? -10.783 2.042   -0.653  1.00 18.10 ? 61  LEU A CD2 1 
ATOM   357 N N   . ASP A 1 45 ? -12.534 3.382   3.569   1.00 33.77 ? 62  ASP A N   1 
ATOM   358 C CA  . ASP A 1 45 ? -13.408 3.469   4.737   1.00 39.96 ? 62  ASP A CA  1 
ATOM   359 C C   . ASP A 1 45 ? -14.103 2.136   4.944   1.00 42.17 ? 62  ASP A C   1 
ATOM   360 O O   . ASP A 1 45 ? -15.201 1.912   4.427   1.00 41.25 ? 62  ASP A O   1 
ATOM   361 C CB  . ASP A 1 45 ? -14.478 4.553   4.579   1.00 41.65 ? 62  ASP A CB  1 
ATOM   362 C CG  . ASP A 1 45 ? -14.049 5.868   5.163   1.00 44.83 ? 62  ASP A CG  1 
ATOM   363 O OD1 . ASP A 1 45 ? -12.819 6.114   5.181   1.00 45.59 ? 62  ASP A OD1 1 
ATOM   364 O OD2 . ASP A 1 45 ? -14.936 6.643   5.613   1.00 45.76 ? 62  ASP A OD2 1 
ATOM   365 N N   . SER A 1 46 ? -13.379 1.231   5.602   1.00 45.42 ? 2   SER A N   1 
ATOM   366 C CA  . SER A 1 46 ? -13.825 -0.114  5.983   1.00 49.21 ? 2   SER A CA  1 
ATOM   367 C C   . SER A 1 46 ? -12.690 -1.119  6.026   1.00 51.56 ? 2   SER A C   1 
ATOM   368 O O   . SER A 1 46 ? -11.554 -0.799  5.675   1.00 50.40 ? 2   SER A O   1 
ATOM   369 C CB  . SER A 1 46 ? -14.988 -0.661  5.160   1.00 49.89 ? 2   SER A CB  1 
ATOM   370 O OG  . SER A 1 46 ? -15.699 -1.636  5.900   1.00 49.95 ? 2   SER A OG  1 
ATOM   371 N N   . GLY A 1 47 ? -13.041 -2.339  6.435   1.00 54.75 ? 3   GLY A N   1 
ATOM   372 C CA  . GLY A 1 47 ? -12.066 -3.398  6.641   1.00 56.96 ? 3   GLY A CA  1 
ATOM   373 C C   . GLY A 1 47 ? -11.566 -3.064  8.034   1.00 57.97 ? 3   GLY A C   1 
ATOM   374 O O   . GLY A 1 47 ? -10.427 -3.332  8.399   1.00 57.08 ? 3   GLY A O   1 
ATOM   375 N N   . THR A 1 48 ? -12.493 -2.475  8.791   1.00 60.39 ? 4   THR A N   1 
ATOM   376 C CA  . THR A 1 48 ? -12.336 -1.959  10.141  1.00 61.28 ? 4   THR A CA  1 
ATOM   377 C C   . THR A 1 48 ? -11.307 -2.596  11.049  1.00 59.83 ? 4   THR A C   1 
ATOM   378 O O   . THR A 1 48 ? -11.252 -3.816  11.195  1.00 60.44 ? 4   THR A O   1 
ATOM   379 C CB  . THR A 1 48 ? -13.702 -1.907  10.838  1.00 63.06 ? 4   THR A CB  1 
ATOM   380 O OG1 . THR A 1 48 ? -14.681 -1.421  9.902   1.00 63.75 ? 4   THR A OG1 1 
ATOM   381 C CG2 . THR A 1 48 ? -13.649 -0.957  12.041  1.00 64.48 ? 4   THR A CG2 1 
ATOM   382 N N   . GLY A 1 49 ? -10.511 -1.739  11.681  1.00 57.60 ? 5   GLY A N   1 
ATOM   383 C CA  . GLY A 1 49 ? -9.474  -2.203  12.574  1.00 56.88 ? 5   GLY A CA  1 
ATOM   384 C C   . GLY A 1 49 ? -8.221  -2.306  11.740  1.00 55.77 ? 5   GLY A C   1 
ATOM   385 O O   . GLY A 1 49 ? -7.186  -1.729  12.072  1.00 58.28 ? 5   GLY A O   1 
ATOM   386 N N   . LYS A 1 50 ? -8.315  -3.042  10.643  1.00 52.79 ? 6   LYS A N   1 
ATOM   387 C CA  . LYS A 1 50 ? -7.191  -3.186  9.740   1.00 49.95 ? 6   LYS A CA  1 
ATOM   388 C C   . LYS A 1 50 ? -7.245  -1.974  8.792   1.00 45.69 ? 6   LYS A C   1 
ATOM   389 O O   . LYS A 1 50 ? -8.320  -1.442  8.510   1.00 45.33 ? 6   LYS A O   1 
ATOM   390 C CB  . LYS A 1 50 ? -7.294  -4.523  8.985   1.00 52.47 ? 6   LYS A CB  1 
ATOM   391 C CG  . LYS A 1 50 ? -6.275  -4.713  7.857   1.00 53.29 ? 6   LYS A CG  1 
ATOM   392 C CD  . LYS A 1 50 ? -5.988  -6.193  7.580   1.00 53.26 ? 6   LYS A CD  1 
ATOM   393 C CE  . LYS A 1 50 ? -5.278  -6.852  8.743   1.00 52.90 ? 6   LYS A CE  1 
ATOM   394 N NZ  . LYS A 1 50 ? -4.927  -8.265  8.453   1.00 52.96 ? 6   LYS A NZ  1 
ATOM   395 N N   . GLU A 1 51 ? -6.078  -1.496  8.368   1.00 39.81 ? 7   GLU A N   1 
ATOM   396 C CA  . GLU A 1 51 ? -5.999  -0.346  7.484   1.00 33.16 ? 7   GLU A CA  1 
ATOM   397 C C   . GLU A 1 51 ? -5.861  -0.838  6.057   1.00 26.43 ? 7   GLU A C   1 
ATOM   398 O O   . GLU A 1 51 ? -4.983  -1.637  5.761   1.00 22.72 ? 7   GLU A O   1 
ATOM   399 C CB  . GLU A 1 51 ? -4.798  0.506   7.857   1.00 37.28 ? 7   GLU A CB  1 
ATOM   400 C CG  . GLU A 1 51 ? -4.819  1.004   9.276   1.00 42.11 ? 7   GLU A CG  1 
ATOM   401 C CD  . GLU A 1 51 ? -5.621  2.269   9.434   1.00 45.18 ? 7   GLU A CD  1 
ATOM   402 O OE1 . GLU A 1 51 ? -5.097  3.354   9.075   1.00 47.45 ? 7   GLU A OE1 1 
ATOM   403 O OE2 . GLU A 1 51 ? -6.772  2.179   9.923   1.00 47.10 ? 7   GLU A OE2 1 
ATOM   404 N N   . LEU A 1 52 ? -6.723  -0.352  5.177   1.00 20.16 ? 8   LEU A N   1 
ATOM   405 C CA  . LEU A 1 52 ? -6.706  -0.766  3.772   1.00 17.85 ? 8   LEU A CA  1 
ATOM   406 C C   . LEU A 1 52 ? -6.588  0.386   2.795   1.00 14.64 ? 8   LEU A C   1 
ATOM   407 O O   . LEU A 1 52 ? -7.129  1.464   3.032   1.00 13.27 ? 8   LEU A O   1 
ATOM   408 C CB  . LEU A 1 52 ? -8.004  -1.513  3.433   1.00 17.33 ? 8   LEU A CB  1 
ATOM   409 C CG  . LEU A 1 52 ? -8.433  -2.674  4.324   1.00 16.59 ? 8   LEU A CG  1 
ATOM   410 C CD1 . LEU A 1 52 ? -9.789  -3.183  3.858   1.00 17.11 ? 8   LEU A CD1 1 
ATOM   411 C CD2 . LEU A 1 52 ? -7.386  -3.792  4.252   1.00 19.27 ? 8   LEU A CD2 1 
ATOM   412 N N   . VAL A 1 53 ? -5.898  0.138   1.684   1.00 13.68 ? 9   VAL A N   1 
ATOM   413 C CA  . VAL A 1 53 ? -5.761  1.130   0.629   1.00 13.24 ? 9   VAL A CA  1 
ATOM   414 C C   . VAL A 1 53 ? -6.094  0.472   -0.706  1.00 11.35 ? 9   VAL A C   1 
ATOM   415 O O   . VAL A 1 53 ? -5.913  -0.741  -0.880  1.00 11.34 ? 9   VAL A O   1 
ATOM   416 C CB  . VAL A 1 53 ? -4.326  1.732   0.503   1.00 13.03 ? 9   VAL A CB  1 
ATOM   417 C CG1 . VAL A 1 53 ? -4.025  2.678   1.657   1.00 13.43 ? 9   VAL A CG1 1 
ATOM   418 C CG2 . VAL A 1 53 ? -3.278  0.615   0.396   1.00 14.53 ? 9   VAL A CG2 1 
ATOM   419 N N   . LEU A 1 54 ? -6.613  1.273   -1.616  1.00 10.43 ? 10  LEU A N   1 
ATOM   420 C CA  . LEU A 1 54 ? -6.949  0.820   -2.960  1.00 12.70 ? 10  LEU A CA  1 
ATOM   421 C C   . LEU A 1 54 ? -5.875  1.376   -3.906  1.00 13.66 ? 10  LEU A C   1 
ATOM   422 O O   . LEU A 1 54 ? -5.553  2.558   -3.829  1.00 14.29 ? 10  LEU A O   1 
ATOM   423 C CB  . LEU A 1 54 ? -8.316  1.385   -3.374  1.00 13.02 ? 10  LEU A CB  1 
ATOM   424 C CG  . LEU A 1 54 ? -8.745  1.251   -4.839  1.00 13.15 ? 10  LEU A CG  1 
ATOM   425 C CD1 . LEU A 1 54 ? -8.971  -0.230  -5.180  1.00 10.98 ? 10  LEU A CD1 1 
ATOM   426 C CD2 . LEU A 1 54 ? -9.997  2.114   -5.113  1.00 12.01 ? 10  LEU A CD2 1 
ATOM   427 N N   . ALA A 1 55 ? -5.330  0.531   -4.773  1.00 14.20 ? 11  ALA A N   1 
ATOM   428 C CA  . ALA A 1 55 ? -4.327  0.958   -5.748  1.00 14.81 ? 11  ALA A CA  1 
ATOM   429 C C   . ALA A 1 55 ? -5.054  1.614   -6.926  1.00 15.06 ? 11  ALA A C   1 
ATOM   430 O O   . ALA A 1 55 ? -5.953  1.025   -7.532  1.00 15.35 ? 11  ALA A O   1 
ATOM   431 C CB  . ALA A 1 55 ? -3.486  -0.230  -6.216  1.00 11.34 ? 11  ALA A CB  1 
ATOM   432 N N   . LEU A 1 56 ? -4.714  2.868   -7.184  1.00 14.11 ? 12  LEU A N   1 
ATOM   433 C CA  . LEU A 1 56 ? -5.322  3.643   -8.253  1.00 14.99 ? 12  LEU A CA  1 
ATOM   434 C C   . LEU A 1 56 ? -4.631  3.450   -9.609  1.00 15.04 ? 12  LEU A C   1 
ATOM   435 O O   . LEU A 1 56 ? -5.262  3.619   -10.647 1.00 15.26 ? 12  LEU A O   1 
ATOM   436 C CB  . LEU A 1 56 ? -5.303  5.129   -7.880  1.00 16.69 ? 12  LEU A CB  1 
ATOM   437 C CG  . LEU A 1 56 ? -5.951  5.413   -6.517  1.00 19.88 ? 12  LEU A CG  1 
ATOM   438 C CD1 . LEU A 1 56 ? -5.812  6.864   -6.149  1.00 19.55 ? 12  LEU A CD1 1 
ATOM   439 C CD2 . LEU A 1 56 ? -7.428  4.994   -6.529  1.00 19.32 ? 12  LEU A CD2 1 
ATOM   440 N N   . TYR A 1 57 ? -3.335  3.137   -9.588  1.00 14.01 ? 13  TYR A N   1 
ATOM   441 C CA  . TYR A 1 57 ? -2.536  2.930   -10.794 1.00 15.16 ? 13  TYR A CA  1 
ATOM   442 C C   . TYR A 1 57 ? -1.574  1.773   -10.555 1.00 16.60 ? 13  TYR A C   1 
ATOM   443 O O   . TYR A 1 57 ? -1.335  1.381   -9.410  1.00 15.75 ? 13  TYR A O   1 
ATOM   444 C CB  . TYR A 1 57 ? -1.658  4.161   -11.073 1.00 15.11 ? 13  TYR A CB  1 
ATOM   445 C CG  . TYR A 1 57 ? -2.353  5.496   -10.849 1.00 16.19 ? 13  TYR A CG  1 
ATOM   446 C CD1 . TYR A 1 57 ? -3.326  5.986   -11.729 1.00 15.88 ? 13  TYR A CD1 1 
ATOM   447 C CD2 . TYR A 1 57 ? -2.004  6.294   -9.749  1.00 16.23 ? 13  TYR A CD2 1 
ATOM   448 C CE1 . TYR A 1 57 ? -3.929  7.184   -11.548 1.00 16.75 ? 13  TYR A CE1 1 
ATOM   449 C CE2 . TYR A 1 57 ? -2.621  7.546   -9.541  1.00 16.67 ? 13  TYR A CE2 1 
ATOM   450 C CZ  . TYR A 1 57 ? -3.578  7.988   -10.458 1.00 16.87 ? 13  TYR A CZ  1 
ATOM   451 O OH  . TYR A 1 57 ? -4.167  9.205   -10.311 1.00 18.41 ? 13  TYR A OH  1 
ATOM   452 N N   . ASP A 1 58 ? -1.058  1.194   -11.632 1.00 18.26 ? 14  ASP A N   1 
ATOM   453 C CA  . ASP A 1 58 ? -0.076  0.118   -11.492 1.00 19.26 ? 14  ASP A CA  1 
ATOM   454 C C   . ASP A 1 58 ? 1.193   0.756   -10.958 1.00 19.53 ? 14  ASP A C   1 
ATOM   455 O O   . ASP A 1 58 ? 1.437   1.947   -11.181 1.00 18.46 ? 14  ASP A O   1 
ATOM   456 C CB  . ASP A 1 58 ? 0.296   -0.476  -12.845 1.00 20.87 ? 14  ASP A CB  1 
ATOM   457 C CG  . ASP A 1 58 ? -0.767  -1.352  -13.412 1.00 22.08 ? 14  ASP A CG  1 
ATOM   458 O OD1 . ASP A 1 58 ? -1.797  -1.569  -12.766 1.00 24.42 ? 14  ASP A OD1 1 
ATOM   459 O OD2 . ASP A 1 58 ? -0.570  -1.845  -14.529 1.00 25.92 ? 14  ASP A OD2 1 
ATOM   460 N N   . TYR A 1 59 ? 2.022   -0.049  -10.301 1.00 21.14 ? 15  TYR A N   1 
ATOM   461 C CA  . TYR A 1 59 ? 3.291   0.419   -9.769  1.00 24.50 ? 15  TYR A CA  1 
ATOM   462 C C   . TYR A 1 59 ? 4.298   -0.714  -9.657  1.00 28.18 ? 15  TYR A C   1 
ATOM   463 O O   . TYR A 1 59 ? 3.986   -1.819  -9.208  1.00 28.10 ? 15  TYR A O   1 
ATOM   464 C CB  . TYR A 1 59 ? 3.127   1.066   -8.395  1.00 22.30 ? 15  TYR A CB  1 
ATOM   465 C CG  . TYR A 1 59 ? 4.447   1.423   -7.750  1.00 20.76 ? 15  TYR A CG  1 
ATOM   466 C CD1 . TYR A 1 59 ? 5.120   2.590   -8.110  1.00 20.80 ? 15  TYR A CD1 1 
ATOM   467 C CD2 . TYR A 1 59 ? 5.039   0.568   -6.812  1.00 20.05 ? 15  TYR A CD2 1 
ATOM   468 C CE1 . TYR A 1 59 ? 6.351   2.903   -7.554  1.00 20.84 ? 15  TYR A CE1 1 
ATOM   469 C CE2 . TYR A 1 59 ? 6.266   0.861   -6.251  1.00 19.21 ? 15  TYR A CE2 1 
ATOM   470 C CZ  . TYR A 1 59 ? 6.923   2.035   -6.624  1.00 20.38 ? 15  TYR A CZ  1 
ATOM   471 O OH  . TYR A 1 59 ? 8.151   2.358   -6.077  1.00 22.01 ? 15  TYR A OH  1 
ATOM   472 N N   . GLN A 1 60 ? 5.536   -0.387  -10.000 1.00 34.71 ? 16  GLN A N   1 
ATOM   473 C CA  . GLN A 1 60 ? 6.659   -1.308  -9.959  1.00 39.98 ? 16  GLN A CA  1 
ATOM   474 C C   . GLN A 1 60 ? 7.883   -0.412  -9.973  1.00 41.74 ? 16  GLN A C   1 
ATOM   475 O O   . GLN A 1 60 ? 7.856   0.670   -10.557 1.00 42.59 ? 16  GLN A O   1 
ATOM   476 C CB  . GLN A 1 60 ? 6.675   -2.192  -11.209 1.00 43.54 ? 16  GLN A CB  1 
ATOM   477 C CG  . GLN A 1 60 ? 7.832   -3.179  -11.248 1.00 49.27 ? 16  GLN A CG  1 
ATOM   478 C CD  . GLN A 1 60 ? 7.868   -4.012  -12.530 1.00 52.15 ? 16  GLN A CD  1 
ATOM   479 O OE1 . GLN A 1 60 ? 6.838   -4.236  -13.175 1.00 53.31 ? 16  GLN A OE1 1 
ATOM   480 N NE2 . GLN A 1 60 ? 9.061   -4.477  -12.896 1.00 53.27 ? 16  GLN A NE2 1 
ATOM   481 N N   . GLU A 1 61 ? 8.934   -0.824  -9.288  1.00 44.37 ? 17  GLU A N   1 
ATOM   482 C CA  . GLU A 1 61 ? 10.155  -0.040  -9.285  1.00 46.52 ? 17  GLU A CA  1 
ATOM   483 C C   . GLU A 1 61 ? 10.832  -0.395  -10.606 1.00 47.51 ? 17  GLU A C   1 
ATOM   484 O O   . GLU A 1 61 ? 11.221  0.542   -11.330 1.00 48.25 ? 17  GLU A O   1 
ATOM   485 C CB  . GLU A 1 61 ? 11.041  -0.420  -8.100  1.00 46.82 ? 17  GLU A CB  1 
HETATM 486 O O   . HOH B 2 .  ? -6.026  -5.748  -9.318  1.00 18.61 ? 102 HOH A O   1 
HETATM 487 O O   . HOH B 2 .  ? 4.764   6.304   5.688   1.00 13.28 ? 103 HOH A O   1 
HETATM 488 O O   . HOH B 2 .  ? -10.538 3.905   -12.639 1.00 60.22 ? 104 HOH A O   1 
HETATM 489 O O   . HOH B 2 .  ? 2.176   12.603  -2.554  1.00 34.93 ? 105 HOH A O   1 
HETATM 490 O O   . HOH B 2 .  ? -0.747  -7.665  -7.928  1.00 36.42 ? 106 HOH A O   1 
HETATM 491 O O   . HOH B 2 .  ? 8.242   1.302   15.116  1.00 30.60 ? 107 HOH A O   1 
HETATM 492 O O   . HOH B 2 .  ? -6.233  12.310  -0.855  1.00 13.12 ? 108 HOH A O   1 
HETATM 493 O O   . HOH B 2 .  ? 3.304   10.129  -3.571  1.00 20.94 ? 109 HOH A O   1 
HETATM 494 O O   . HOH B 2 .  ? -9.256  0.724   5.983   1.00 27.98 ? 110 HOH A O   1 
HETATM 495 O O   . HOH B 2 .  ? 8.714   13.088  6.513   1.00 34.22 ? 111 HOH A O   1 
HETATM 496 O O   . HOH B 2 .  ? -3.363  -7.068  -1.917  1.00 27.93 ? 112 HOH A O   1 
HETATM 497 O O   . HOH B 2 .  ? -6.145  -10.064 -9.251  1.00 38.19 ? 113 HOH A O   1 
HETATM 498 O O   . HOH B 2 .  ? -3.038  10.783  -7.387  1.00 34.58 ? 114 HOH A O   1 
HETATM 499 O O   . HOH B 2 .  ? 4.924   -1.334  10.283  1.00 41.83 ? 115 HOH A O   1 
HETATM 500 O O   . HOH B 2 .  ? -3.899  -2.021  9.873   1.00 40.80 ? 116 HOH A O   1 
HETATM 501 O O   . HOH B 2 .  ? 1.209   10.967  5.649   1.00 28.42 ? 117 HOH A O   1 
HETATM 502 O O   . HOH B 2 .  ? -1.109  11.488  -1.810  1.00 24.93 ? 118 HOH A O   1 
HETATM 503 O O   . HOH B 2 .  ? -1.001  11.771  3.918   1.00 57.32 ? 119 HOH A O   1 
HETATM 504 O O   . HOH B 2 .  ? 3.394   10.863  -7.572  1.00 31.46 ? 120 HOH A O   1 
HETATM 505 O O   . HOH B 2 .  ? -1.157  12.062  -8.600  1.00 26.89 ? 121 HOH A O   1 
HETATM 506 O O   . HOH B 2 .  ? -11.082 7.317   3.146   1.00 27.36 ? 122 HOH A O   1 
HETATM 507 O O   . HOH B 2 .  ? 9.390   -1.124  11.914  1.00 30.39 ? 123 HOH A O   1 
HETATM 508 O O   . HOH B 2 .  ? 1.227   10.875  -9.044  1.00 19.29 ? 124 HOH A O   1 
HETATM 509 O O   . HOH B 2 .  ? 1.422   3.573   -13.487 1.00 31.16 ? 125 HOH A O   1 
HETATM 510 O O   . HOH B 2 .  ? -3.729  -3.131  -14.080 1.00 46.74 ? 126 HOH A O   1 
HETATM 511 O O   . HOH B 2 .  ? -8.385  1.050   -8.681  1.00 21.43 ? 127 HOH A O   1 
HETATM 512 O O   . HOH B 2 .  ? 9.895   4.122   -8.015  1.00 37.53 ? 128 HOH A O   1 
HETATM 513 O O   . HOH B 2 .  ? 1.653   -6.431  -9.416  1.00 33.53 ? 129 HOH A O   1 
HETATM 514 O O   . HOH B 2 .  ? -7.114  3.005   5.930   1.00 38.25 ? 130 HOH A O   1 
HETATM 515 O O   . HOH B 2 .  ? 9.628   -1.510  -0.798  1.00 29.40 ? 131 HOH A O   1 
HETATM 516 O O   . HOH B 2 .  ? -3.780  -8.545  -8.019  1.00 40.67 ? 132 HOH A O   1 
HETATM 517 O O   . HOH B 2 .  ? 6.193   7.422   -7.733  1.00 53.77 ? 133 HOH A O   1 
HETATM 518 O O   . HOH B 2 .  ? 4.966   -7.778  -4.604  1.00 36.62 ? 134 HOH A O   1 
HETATM 519 O O   . HOH B 2 .  ? -6.246  -3.590  -13.115 1.00 34.47 ? 135 HOH A O   1 
HETATM 520 O O   . HOH B 2 .  ? -0.257  -5.838  -5.074  1.00 32.36 ? 136 HOH A O   1 
HETATM 521 O O   . HOH B 2 .  ? 8.454   14.420  1.490   1.00 30.44 ? 137 HOH A O   1 
HETATM 522 O O   . HOH B 2 .  ? 5.261   9.640   -5.530  1.00 66.92 ? 138 HOH A O   1 
HETATM 523 O O   . HOH B 2 .  ? -9.104  3.503   9.476   1.00 44.24 ? 139 HOH A O   1 
HETATM 524 O O   . HOH B 2 .  ? 3.994   4.429   13.079  1.00 35.63 ? 140 HOH A O   1 
HETATM 525 O O   . HOH B 2 .  ? -9.539  3.199   -8.947  1.00 43.95 ? 141 HOH A O   1 
HETATM 526 O O   . HOH B 2 .  ? 10.369  -0.092  7.724   1.00 22.88 ? 142 HOH A O   1 
HETATM 527 O O   . HOH B 2 .  ? -7.375  5.466   -11.231 1.00 29.89 ? 143 HOH A O   1 
HETATM 528 O O   . HOH B 2 .  ? 2.940   -0.526  -14.953 1.00 56.41 ? 144 HOH A O   1 
HETATM 529 O O   . HOH B 2 .  ? -17.408 1.175   5.908   1.00 50.51 ? 145 HOH A O   1 
HETATM 530 O O   . HOH B 2 .  ? 10.018  -10.285 4.908   1.00 41.32 ? 146 HOH A O   1 
HETATM 531 O O   . HOH B 2 .  ? 5.907   13.826  5.581   1.00 37.28 ? 147 HOH A O   1 
HETATM 532 O O   . HOH B 2 .  ? -0.590  -6.588  9.269   1.00 43.04 ? 148 HOH A O   1 
HETATM 533 O O   . HOH B 2 .  ? 8.385   -2.659  -7.568  1.00 32.03 ? 149 HOH A O   1 
HETATM 534 O O   . HOH B 2 .  ? -1.745  11.363  0.783   1.00 60.07 ? 150 HOH A O   1 
HETATM 535 O O   . HOH B 2 .  ? -3.358  13.321  -0.381  1.00 38.61 ? 151 HOH A O   1 
HETATM 536 O O   . HOH B 2 .  ? 14.741  -7.602  2.796   1.00 35.41 ? 152 HOH A O   1 
HETATM 537 O O   . HOH B 2 .  ? 10.296  -1.350  -13.645 1.00 60.80 ? 153 HOH A O   1 
HETATM 538 O O   . HOH B 2 .  ? -0.962  8.423   10.090  1.00 29.44 ? 154 HOH A O   1 
HETATM 539 O O   . HOH B 2 .  ? 0.762   5.135   10.069  1.00 15.83 ? 155 HOH A O   1 
HETATM 540 O O   . HOH B 2 .  ? -1.613  3.916   8.391   1.00 25.16 ? 156 HOH A O   1 
HETATM 541 O O   . HOH B 2 .  ? 8.598   0.405   9.541   1.00 43.25 ? 157 HOH A O   1 
HETATM 542 O O   . HOH B 2 .  ? 5.423   2.782   -11.330 1.00 38.88 ? 158 HOH A O   1 
HETATM 543 O O   . HOH B 2 .  ? -18.354 3.767   5.128   1.00 42.42 ? 159 HOH A O   1 
HETATM 544 O O   . HOH B 2 .  ? 10.541  8.784   -6.572  1.00 55.58 ? 160 HOH A O   1 
HETATM 545 O O   . HOH B 2 .  ? 10.164  -8.157  12.207  1.00 25.03 ? 161 HOH A O   1 
HETATM 546 O O   . HOH B 2 .  ? 7.015   -9.673  6.844   1.00 41.60 ? 162 HOH A O   1 
HETATM 547 O O   . HOH B 2 .  ? 8.380   -8.277  5.063   1.00 50.18 ? 163 HOH A O   1 
HETATM 548 O O   . HOH B 2 .  ? 13.427  -7.059  -2.240  0.00 27.93 ? 164 HOH A O   1 
HETATM 549 O O   . HOH B 2 .  ? -2.002  1.792   9.956   1.00 47.95 ? 165 HOH A O   1 
HETATM 550 O O   . HOH B 2 .  ? -5.926  -1.595  -14.857 1.00 54.21 ? 166 HOH A O   1 
HETATM 551 O O   . HOH B 2 .  ? 8.903   -1.036  -3.656  1.00 35.36 ? 167 HOH A O   1 
HETATM 552 O O   . HOH B 2 .  ? -1.345  -10.106 8.691   1.00 60.81 ? 168 HOH A O   1 
HETATM 553 O O   . HOH B 2 .  ? -0.941  -7.737  -2.773  1.00 56.81 ? 169 HOH A O   1 
HETATM 554 O O   . HOH B 2 .  ? -1.644  -13.488 -4.085  1.00 62.20 ? 170 HOH A O   1 
HETATM 555 O O   . HOH B 2 .  ? 11.969  -1.602  -4.905  1.00 56.69 ? 171 HOH A O   1 
# 
